data_9BGR
#
_entry.id   9BGR
#
_cell.length_a   52.958
_cell.length_b   53.048
_cell.length_c   70.267
_cell.angle_alpha   83.00
_cell.angle_beta   82.17
_cell.angle_gamma   74.36
#
_symmetry.space_group_name_H-M   'P 1'
#
loop_
_entity.id
_entity.type
_entity.pdbx_description
1 polymer aminotransferase
2 non-polymer '(2R,3R,4R,5R)-3,4-diacetamido-5-({3-hydroxy-2-methyl-5-[(phosphonooxy)methyl]pyridin-4-yl}methoxy)oxan-2-yl [(2R,3S,4R,5R)-5-(2,4-dioxo-3,4-dihydropyrimidin-1(2H)-yl)-3,4-dihydroxyoxolan-2-yl]methyl dihydrogen diphosphate (non-preferred name)'
3 non-polymer '2-(N-MORPHOLINO)-ETHANESULFONIC ACID'
4 non-polymer 1,2-ETHANEDIOL
5 non-polymer 'TRIETHYLENE GLYCOL'
6 water water
#
_entity_poly.entity_id   1
_entity_poly.type   'polypeptide(L)'
_entity_poly.pdbx_seq_one_letter_code
;MIKLSQPQIPEFAIEKVADILRGGQLVHGDECNLFEQELAEYLGVKHALVVSNGTAALHLALLALNIGPGDAVIVPDFTF
TATANIVEMVGAKAIIVDVDKTSYNLDPQKLQACINEWQGPETLKAIMPVLEFGNPTHLNAYRDIAKQHGLFMIEDAACA
LGASEQGTMVGTAAEFGCFSFHPRATLTTGEGGAVVTNDTELYNKVALLRSHGMQRTETGVVFKCVGLNYRLTNFQGAIG
RAILPELNQWIAKRRELANQYRELLAPLVEVGKLTLPSIVEGHSVQTYMTVLADNFERSDVIEALRSKQVESNLGAQSMS
SLGLFNHKYNTEQQYPEGTRLYTHGLALPLHEGMNAEDVATVVSALTEVLEHARLEHHHHHH
;
_entity_poly.pdbx_strand_id   A,B
#
# COMPACT_ATOMS: atom_id res chain seq x y z
N MET A 1 19.51 13.40 20.93
CA MET A 1 18.40 14.21 20.40
C MET A 1 17.12 13.80 21.12
N ILE A 2 16.39 14.78 21.66
CA ILE A 2 15.02 14.55 22.10
C ILE A 2 14.15 14.64 20.85
N LYS A 3 13.56 13.50 20.49
CA LYS A 3 12.89 13.32 19.21
CA LYS A 3 12.88 13.31 19.21
C LYS A 3 11.38 13.51 19.34
N LEU A 4 10.72 13.76 18.19
CA LEU A 4 9.27 13.90 18.18
C LEU A 4 8.58 12.60 18.57
N SER A 5 9.17 11.45 18.26
CA SER A 5 8.65 10.20 18.76
C SER A 5 9.80 9.21 18.88
N GLN A 6 9.58 8.11 19.62
CA GLN A 6 10.60 7.08 19.79
C GLN A 6 9.91 5.81 20.23
N PRO A 7 9.10 5.25 19.33
CA PRO A 7 8.22 4.15 19.71
C PRO A 7 9.02 2.95 20.24
N GLN A 8 8.55 2.43 21.38
CA GLN A 8 9.12 1.23 21.98
C GLN A 8 8.19 0.06 21.73
N ILE A 9 8.58 -0.74 20.75
CA ILE A 9 7.86 -1.97 20.43
C ILE A 9 8.20 -2.98 21.51
N PRO A 10 7.21 -3.57 22.21
CA PRO A 10 7.51 -4.53 23.27
C PRO A 10 8.39 -5.68 22.78
N GLU A 11 9.31 -6.14 23.63
CA GLU A 11 10.23 -7.18 23.22
CA GLU A 11 10.23 -7.18 23.22
C GLU A 11 9.46 -8.44 22.85
N PHE A 12 8.35 -8.74 23.54
CA PHE A 12 7.59 -9.94 23.21
C PHE A 12 7.03 -9.84 21.78
N ALA A 13 6.75 -8.62 21.35
CA ALA A 13 6.27 -8.39 19.99
C ALA A 13 7.39 -8.57 18.98
N ILE A 14 8.60 -8.12 19.31
CA ILE A 14 9.74 -8.38 18.44
C ILE A 14 9.94 -9.89 18.31
N GLU A 15 9.83 -10.62 19.42
CA GLU A 15 9.98 -12.06 19.37
C GLU A 15 8.88 -12.70 18.51
N LYS A 16 7.64 -12.23 18.64
CA LYS A 16 6.56 -12.74 17.81
C LYS A 16 6.81 -12.45 16.32
N VAL A 17 7.30 -11.26 16.00
CA VAL A 17 7.66 -10.95 14.61
C VAL A 17 8.71 -11.97 14.13
N ALA A 18 9.75 -12.20 14.94
CA ALA A 18 10.79 -13.13 14.53
C ALA A 18 10.21 -14.53 14.30
N ASP A 19 9.30 -14.97 15.18
CA ASP A 19 8.64 -16.25 15.00
C ASP A 19 7.86 -16.29 13.70
N ILE A 20 7.17 -15.19 13.37
CA ILE A 20 6.36 -15.14 12.17
C ILE A 20 7.28 -15.25 10.94
N LEU A 21 8.37 -14.48 10.94
CA LEU A 21 9.32 -14.51 9.84
C LEU A 21 9.92 -15.91 9.65
N ARG A 22 10.27 -16.55 10.76
CA ARG A 22 11.01 -17.80 10.74
CA ARG A 22 11.01 -17.80 10.73
C ARG A 22 10.09 -18.93 10.26
N GLY A 23 8.83 -18.89 10.70
CA GLY A 23 8.03 -20.08 10.50
C GLY A 23 6.53 -19.84 10.45
N GLY A 24 6.11 -18.58 10.31
CA GLY A 24 4.71 -18.20 10.34
C GLY A 24 4.20 -17.68 9.00
N GLN A 25 2.96 -17.22 9.04
CA GLN A 25 2.33 -16.67 7.85
C GLN A 25 2.74 -15.20 7.76
N LEU A 26 3.20 -14.79 6.57
CA LEU A 26 3.65 -13.41 6.38
C LEU A 26 2.53 -12.47 5.98
N VAL A 27 1.64 -12.86 5.06
CA VAL A 27 0.52 -12.01 4.69
C VAL A 27 -0.51 -12.01 5.80
N HIS A 28 -1.38 -10.99 5.74
CA HIS A 28 -2.45 -10.79 6.69
C HIS A 28 -3.01 -12.12 7.16
N GLY A 29 -2.88 -12.37 8.46
CA GLY A 29 -3.29 -13.61 9.06
C GLY A 29 -3.94 -13.39 10.42
N ASP A 30 -3.74 -14.37 11.29
CA ASP A 30 -4.41 -14.36 12.58
C ASP A 30 -4.08 -13.10 13.36
N GLU A 31 -2.84 -12.62 13.29
CA GLU A 31 -2.50 -11.42 14.04
C GLU A 31 -3.30 -10.22 13.53
N CYS A 32 -3.43 -10.07 12.21
CA CYS A 32 -4.22 -8.97 11.68
C CYS A 32 -5.69 -9.12 12.04
N ASN A 33 -6.22 -10.33 11.97
CA ASN A 33 -7.63 -10.55 12.27
C ASN A 33 -7.92 -10.23 13.74
N LEU A 34 -7.03 -10.69 14.65
CA LEU A 34 -7.20 -10.37 16.05
C LEU A 34 -7.04 -8.87 16.31
N PHE A 35 -6.05 -8.25 15.65
CA PHE A 35 -5.88 -6.80 15.78
C PHE A 35 -7.16 -6.07 15.38
N GLU A 36 -7.78 -6.46 14.28
CA GLU A 36 -9.02 -5.82 13.86
C GLU A 36 -10.10 -5.95 14.93
N GLN A 37 -10.27 -7.17 15.45
N GLN A 37 -10.26 -7.15 15.48
CA GLN A 37 -11.26 -7.41 16.48
CA GLN A 37 -11.30 -7.34 16.47
C GLN A 37 -10.98 -6.49 17.67
C GLN A 37 -10.99 -6.49 17.70
N GLU A 38 -9.71 -6.45 18.10
CA GLU A 38 -9.33 -5.73 19.30
C GLU A 38 -9.46 -4.21 19.10
N LEU A 39 -9.15 -3.70 17.91
CA LEU A 39 -9.30 -2.29 17.56
CA LEU A 39 -9.30 -2.29 17.63
C LEU A 39 -10.78 -1.90 17.62
N ALA A 40 -11.63 -2.76 17.05
CA ALA A 40 -13.05 -2.49 17.04
C ALA A 40 -13.57 -2.42 18.47
N GLU A 41 -13.14 -3.37 19.32
CA GLU A 41 -13.56 -3.38 20.71
CA GLU A 41 -13.59 -3.39 20.71
C GLU A 41 -13.08 -2.14 21.44
N TYR A 42 -11.82 -1.76 21.21
CA TYR A 42 -11.22 -0.58 21.83
C TYR A 42 -12.06 0.66 21.52
N LEU A 43 -12.49 0.78 20.26
CA LEU A 43 -13.20 1.97 19.81
C LEU A 43 -14.69 1.93 20.09
N GLY A 44 -15.21 0.75 20.42
CA GLY A 44 -16.66 0.54 20.50
C GLY A 44 -17.37 0.72 19.16
N VAL A 45 -16.72 0.26 18.10
CA VAL A 45 -17.24 0.38 16.75
C VAL A 45 -17.44 -1.04 16.20
N LYS A 46 -18.36 -1.22 15.26
CA LYS A 46 -18.73 -2.57 14.86
C LYS A 46 -17.59 -3.26 14.11
N HIS A 47 -16.86 -2.52 13.29
CA HIS A 47 -15.96 -3.12 12.31
C HIS A 47 -14.64 -2.33 12.23
N ALA A 48 -13.54 -3.06 12.01
CA ALA A 48 -12.25 -2.48 11.71
C ALA A 48 -11.55 -3.34 10.66
N LEU A 49 -10.78 -2.66 9.81
CA LEU A 49 -9.97 -3.30 8.79
C LEU A 49 -8.59 -2.64 8.77
N VAL A 50 -7.52 -3.42 8.97
CA VAL A 50 -6.19 -2.85 8.93
C VAL A 50 -5.69 -2.82 7.49
N VAL A 51 -4.88 -1.80 7.19
CA VAL A 51 -4.46 -1.50 5.82
C VAL A 51 -3.03 -0.97 5.82
N SER A 52 -2.49 -0.71 4.62
CA SER A 52 -1.07 -0.45 4.45
C SER A 52 -0.58 0.80 5.16
N ASN A 53 -1.42 1.82 5.24
CA ASN A 53 -1.05 3.10 5.83
C ASN A 53 -2.30 3.96 5.96
N GLY A 54 -2.15 5.12 6.61
CA GLY A 54 -3.31 5.98 6.86
C GLY A 54 -3.88 6.61 5.59
N THR A 55 -3.01 6.85 4.60
CA THR A 55 -3.46 7.37 3.30
C THR A 55 -4.34 6.33 2.61
N ALA A 56 -3.92 5.07 2.67
CA ALA A 56 -4.70 3.97 2.13
C ALA A 56 -6.07 3.90 2.78
N ALA A 57 -6.15 4.12 4.08
CA ALA A 57 -7.42 4.12 4.79
C ALA A 57 -8.37 5.17 4.20
N LEU A 58 -7.88 6.40 4.06
CA LEU A 58 -8.69 7.47 3.45
C LEU A 58 -9.09 7.12 2.03
N HIS A 59 -8.15 6.56 1.26
CA HIS A 59 -8.40 6.18 -0.12
C HIS A 59 -9.56 5.20 -0.22
N LEU A 60 -9.49 4.16 0.61
CA LEU A 60 -10.53 3.13 0.60
C LEU A 60 -11.88 3.67 1.04
N ALA A 61 -11.89 4.57 2.03
CA ALA A 61 -13.13 5.22 2.45
C ALA A 61 -13.77 5.97 1.28
N LEU A 62 -12.97 6.77 0.59
CA LEU A 62 -13.50 7.51 -0.56
C LEU A 62 -14.08 6.56 -1.62
N LEU A 63 -13.31 5.52 -1.95
CA LEU A 63 -13.73 4.59 -2.98
C LEU A 63 -15.01 3.86 -2.56
N ALA A 64 -15.12 3.44 -1.30
CA ALA A 64 -16.29 2.70 -0.84
C ALA A 64 -17.55 3.56 -0.92
N LEU A 65 -17.38 4.88 -0.77
CA LEU A 65 -18.49 5.84 -0.86
C LEU A 65 -18.76 6.30 -2.29
N ASN A 66 -18.07 5.72 -3.28
CA ASN A 66 -18.26 6.10 -4.68
CA ASN A 66 -18.25 6.09 -4.67
C ASN A 66 -18.01 7.59 -4.92
N ILE A 67 -16.99 8.13 -4.25
CA ILE A 67 -16.56 9.49 -4.45
C ILE A 67 -15.46 9.49 -5.50
N GLY A 68 -15.64 10.31 -6.53
CA GLY A 68 -14.75 10.24 -7.67
C GLY A 68 -14.92 11.42 -8.61
N PRO A 69 -14.66 11.20 -9.91
CA PRO A 69 -14.82 12.27 -10.88
C PRO A 69 -16.21 12.89 -10.80
N GLY A 70 -16.23 14.21 -10.83
CA GLY A 70 -17.49 14.94 -10.77
C GLY A 70 -17.95 15.31 -9.36
N ASP A 71 -17.18 14.87 -8.35
CA ASP A 71 -17.53 15.04 -6.94
C ASP A 71 -16.56 16.00 -6.26
N ALA A 72 -16.99 16.47 -5.09
CA ALA A 72 -16.20 17.37 -4.24
C ALA A 72 -16.29 16.88 -2.80
N VAL A 73 -15.17 17.13 -2.09
CA VAL A 73 -15.03 16.81 -0.67
C VAL A 73 -14.40 18.01 0.02
N ILE A 74 -14.96 18.43 1.15
CA ILE A 74 -14.38 19.51 1.94
C ILE A 74 -13.29 18.97 2.86
N VAL A 75 -12.16 19.67 2.85
CA VAL A 75 -11.00 19.35 3.68
C VAL A 75 -10.59 20.62 4.40
N PRO A 76 -9.88 20.49 5.56
CA PRO A 76 -9.35 21.66 6.25
C PRO A 76 -8.11 22.20 5.55
N ASP A 77 -7.87 23.49 5.74
CA ASP A 77 -6.67 24.07 5.18
C ASP A 77 -5.42 23.51 5.85
N PHE A 78 -5.49 23.29 7.18
CA PHE A 78 -4.33 22.89 7.94
C PHE A 78 -4.40 21.39 8.21
N THR A 79 -3.48 20.65 7.60
CA THR A 79 -3.45 19.20 7.68
C THR A 79 -2.20 18.73 6.96
N PHE A 80 -1.91 17.43 7.05
CA PHE A 80 -0.90 16.85 6.18
C PHE A 80 -1.46 16.79 4.75
N THR A 81 -0.58 16.96 3.78
CA THR A 81 -1.02 17.06 2.38
C THR A 81 -1.81 15.84 1.93
N ALA A 82 -1.57 14.65 2.49
CA ALA A 82 -2.30 13.45 2.11
C ALA A 82 -3.82 13.66 2.14
N THR A 83 -4.34 14.44 3.09
CA THR A 83 -5.78 14.58 3.22
C THR A 83 -6.39 15.10 1.91
N ALA A 84 -5.80 16.18 1.40
CA ALA A 84 -6.30 16.79 0.15
C ALA A 84 -5.84 16.01 -1.07
N ASN A 85 -4.61 15.52 -1.05
CA ASN A 85 -4.12 14.75 -2.18
C ASN A 85 -5.06 13.58 -2.50
N ILE A 86 -5.48 12.84 -1.47
CA ILE A 86 -6.16 11.59 -1.75
C ILE A 86 -7.55 11.84 -2.33
N VAL A 87 -8.20 12.96 -1.95
CA VAL A 87 -9.42 13.39 -2.62
C VAL A 87 -9.18 13.58 -4.12
N GLU A 88 -8.12 14.31 -4.47
CA GLU A 88 -7.81 14.56 -5.87
C GLU A 88 -7.44 13.25 -6.58
N MET A 89 -6.77 12.32 -5.88
CA MET A 89 -6.36 11.10 -6.53
C MET A 89 -7.54 10.28 -7.03
N VAL A 90 -8.67 10.26 -6.31
CA VAL A 90 -9.84 9.51 -6.79
C VAL A 90 -10.61 10.28 -7.86
N GLY A 91 -10.18 11.50 -8.18
CA GLY A 91 -10.84 12.27 -9.22
C GLY A 91 -11.76 13.36 -8.69
N ALA A 92 -11.94 13.43 -7.38
CA ALA A 92 -12.78 14.44 -6.77
C ALA A 92 -11.96 15.71 -6.56
N LYS A 93 -12.65 16.82 -6.26
CA LYS A 93 -12.00 18.10 -5.99
C LYS A 93 -12.00 18.37 -4.49
N ALA A 94 -10.81 18.71 -3.99
CA ALA A 94 -10.64 19.13 -2.60
C ALA A 94 -11.06 20.59 -2.46
N ILE A 95 -12.05 20.81 -1.61
CA ILE A 95 -12.63 22.12 -1.34
C ILE A 95 -12.13 22.53 0.03
N ILE A 96 -11.29 23.56 0.10
CA ILE A 96 -10.59 23.91 1.31
C ILE A 96 -11.42 24.88 2.14
N VAL A 97 -11.51 24.59 3.43
CA VAL A 97 -12.12 25.47 4.40
C VAL A 97 -11.14 25.70 5.55
N ASP A 98 -11.11 26.92 6.09
CA ASP A 98 -10.12 27.23 7.10
C ASP A 98 -10.41 26.49 8.40
N VAL A 99 -9.37 26.48 9.24
CA VAL A 99 -9.41 25.92 10.59
C VAL A 99 -9.60 27.04 11.59
N ASP A 100 -9.93 26.70 12.83
CA ASP A 100 -9.90 27.73 13.86
C ASP A 100 -8.57 27.74 14.56
N LYS A 101 -8.24 28.91 15.08
CA LYS A 101 -6.88 29.09 15.59
CA LYS A 101 -6.91 29.16 15.63
C LYS A 101 -6.70 28.42 16.95
N THR A 102 -7.78 28.12 17.69
CA THR A 102 -7.65 27.51 19.01
C THR A 102 -7.40 26.00 18.88
N SER A 103 -8.23 25.33 18.08
CA SER A 103 -8.19 23.88 18.00
C SER A 103 -7.26 23.37 16.92
N TYR A 104 -7.02 24.19 15.88
CA TYR A 104 -6.31 23.82 14.67
C TYR A 104 -7.14 22.89 13.77
N ASN A 105 -8.41 22.70 14.12
CA ASN A 105 -9.31 21.84 13.36
C ASN A 105 -10.27 22.69 12.51
N LEU A 106 -10.80 22.04 11.47
CA LEU A 106 -11.81 22.61 10.57
C LEU A 106 -12.80 23.46 11.35
N ASP A 107 -12.99 24.71 10.91
CA ASP A 107 -13.81 25.66 11.65
C ASP A 107 -15.27 25.40 11.30
N PRO A 108 -16.13 25.01 12.28
CA PRO A 108 -17.52 24.65 11.94
C PRO A 108 -18.32 25.78 11.31
N GLN A 109 -18.09 27.04 11.70
CA GLN A 109 -18.82 28.15 11.09
C GLN A 109 -18.44 28.29 9.63
N LYS A 110 -17.14 28.23 9.34
CA LYS A 110 -16.67 28.36 7.97
CA LYS A 110 -16.68 28.36 7.96
C LYS A 110 -17.10 27.15 7.14
N LEU A 111 -17.20 25.97 7.78
CA LEU A 111 -17.71 24.80 7.11
C LEU A 111 -19.17 24.98 6.68
N GLN A 112 -19.98 25.45 7.62
CA GLN A 112 -21.38 25.73 7.32
C GLN A 112 -21.47 26.71 6.16
N ALA A 113 -20.68 27.79 6.18
CA ALA A 113 -20.76 28.80 5.12
C ALA A 113 -20.41 28.20 3.76
N CYS A 114 -19.39 27.35 3.70
CA CYS A 114 -18.99 26.72 2.45
C CYS A 114 -20.13 25.85 1.91
N ILE A 115 -20.71 25.03 2.79
CA ILE A 115 -21.78 24.15 2.36
C ILE A 115 -22.97 24.99 1.87
N ASN A 116 -23.31 26.01 2.64
CA ASN A 116 -24.47 26.84 2.33
C ASN A 116 -24.32 27.48 0.96
N GLU A 117 -23.10 27.91 0.61
CA GLU A 117 -22.83 28.59 -0.64
C GLU A 117 -22.63 27.65 -1.81
N TRP A 118 -22.47 26.35 -1.56
CA TRP A 118 -22.13 25.42 -2.62
C TRP A 118 -23.29 25.32 -3.61
N GLN A 119 -22.96 25.43 -4.90
CA GLN A 119 -23.95 25.26 -5.96
C GLN A 119 -23.29 24.58 -7.18
N GLY A 120 -22.18 23.85 -6.97
CA GLY A 120 -21.56 23.07 -8.02
C GLY A 120 -20.33 23.74 -8.62
N PRO A 121 -19.86 23.30 -9.80
CA PRO A 121 -20.57 22.31 -10.62
C PRO A 121 -20.51 20.87 -10.13
N GLU A 122 -19.47 20.55 -9.35
CA GLU A 122 -19.32 19.20 -8.83
C GLU A 122 -20.41 18.91 -7.80
N THR A 123 -20.60 17.61 -7.54
CA THR A 123 -21.54 17.18 -6.52
C THR A 123 -20.79 17.11 -5.19
N LEU A 124 -21.20 17.94 -4.23
CA LEU A 124 -20.57 17.92 -2.92
C LEU A 124 -21.11 16.73 -2.14
N LYS A 125 -20.21 15.78 -1.84
CA LYS A 125 -20.63 14.50 -1.28
C LYS A 125 -20.21 14.29 0.17
N ALA A 126 -19.13 14.93 0.63
CA ALA A 126 -18.54 14.54 1.90
C ALA A 126 -17.79 15.69 2.52
N ILE A 127 -17.63 15.57 3.84
CA ILE A 127 -16.61 16.30 4.60
C ILE A 127 -15.55 15.30 5.08
N MET A 128 -14.31 15.76 5.11
CA MET A 128 -13.18 15.00 5.60
C MET A 128 -12.47 15.83 6.66
N PRO A 129 -13.11 16.00 7.83
CA PRO A 129 -12.46 16.71 8.92
C PRO A 129 -11.24 15.94 9.41
N VAL A 130 -10.22 16.69 9.84
CA VAL A 130 -9.04 16.13 10.47
C VAL A 130 -9.14 16.39 11.97
N LEU A 131 -8.87 15.35 12.78
CA LEU A 131 -8.78 15.53 14.23
C LEU A 131 -7.30 15.72 14.50
N GLU A 132 -6.85 16.95 14.28
CA GLU A 132 -5.43 17.20 14.05
C GLU A 132 -4.66 17.05 15.37
N PHE A 133 -3.55 16.31 15.30
CA PHE A 133 -2.63 16.14 16.43
C PHE A 133 -3.28 15.39 17.60
N GLY A 134 -4.41 14.74 17.37
CA GLY A 134 -5.11 14.05 18.43
C GLY A 134 -6.21 14.86 19.09
N ASN A 135 -6.50 16.05 18.51
CA ASN A 135 -7.50 16.91 19.08
C ASN A 135 -8.89 16.48 18.59
N PRO A 136 -9.83 16.06 19.46
CA PRO A 136 -11.16 15.66 19.01
C PRO A 136 -12.13 16.82 18.87
N THR A 137 -11.66 18.04 19.16
CA THR A 137 -12.54 19.20 19.20
C THR A 137 -13.29 19.34 17.87
N HIS A 138 -14.60 19.47 18.02
CA HIS A 138 -15.57 19.67 16.93
C HIS A 138 -16.06 18.37 16.30
N LEU A 139 -15.61 17.20 16.80
CA LEU A 139 -16.02 15.91 16.25
C LEU A 139 -17.55 15.81 16.11
N ASN A 140 -18.26 16.10 17.20
CA ASN A 140 -19.70 15.92 17.20
C ASN A 140 -20.39 17.00 16.34
N ALA A 141 -19.82 18.21 16.31
CA ALA A 141 -20.33 19.25 15.40
C ALA A 141 -20.20 18.80 13.95
N TYR A 142 -19.07 18.21 13.57
CA TYR A 142 -18.90 17.74 12.20
C TYR A 142 -19.97 16.72 11.87
N ARG A 143 -20.21 15.76 12.77
CA ARG A 143 -21.24 14.77 12.57
C ARG A 143 -22.60 15.44 12.35
N ASP A 144 -22.92 16.40 13.21
CA ASP A 144 -24.21 17.08 13.11
C ASP A 144 -24.34 17.81 11.77
N ILE A 145 -23.27 18.52 11.36
CA ILE A 145 -23.30 19.30 10.13
C ILE A 145 -23.44 18.34 8.95
N ALA A 146 -22.72 17.24 8.95
CA ALA A 146 -22.85 16.29 7.86
C ALA A 146 -24.27 15.76 7.79
N LYS A 147 -24.89 15.46 8.92
CA LYS A 147 -26.24 14.91 8.93
C LYS A 147 -27.24 15.96 8.45
N GLN A 148 -27.05 17.21 8.89
CA GLN A 148 -27.92 18.32 8.52
C GLN A 148 -27.95 18.53 7.01
N HIS A 149 -26.84 18.25 6.34
CA HIS A 149 -26.70 18.57 4.92
C HIS A 149 -26.62 17.33 4.05
N GLY A 150 -26.93 16.15 4.60
CA GLY A 150 -26.96 14.93 3.82
C GLY A 150 -25.60 14.52 3.26
N LEU A 151 -24.51 14.87 3.95
CA LEU A 151 -23.15 14.57 3.51
C LEU A 151 -22.62 13.34 4.24
N PHE A 152 -21.77 12.58 3.55
CA PHE A 152 -20.93 11.62 4.23
C PHE A 152 -19.88 12.35 5.05
N MET A 153 -19.38 11.67 6.08
CA MET A 153 -18.24 12.15 6.87
C MET A 153 -17.21 11.03 6.97
N ILE A 154 -15.99 11.35 6.52
CA ILE A 154 -14.83 10.50 6.65
C ILE A 154 -13.91 11.21 7.62
N GLU A 155 -13.70 10.64 8.82
CA GLU A 155 -12.77 11.26 9.75
C GLU A 155 -11.35 10.91 9.37
N ASP A 156 -10.55 11.93 9.11
CA ASP A 156 -9.11 11.75 9.00
C ASP A 156 -8.54 11.82 10.40
N ALA A 157 -8.58 10.65 11.04
CA ALA A 157 -8.10 10.43 12.39
C ALA A 157 -6.70 9.85 12.36
N ALA A 158 -5.92 10.20 11.35
CA ALA A 158 -4.56 9.69 11.24
C ALA A 158 -3.81 9.77 12.57
N CYS A 159 -3.93 10.93 13.22
CA CYS A 159 -3.19 11.26 14.43
C CYS A 159 -4.04 11.20 15.68
N ALA A 160 -5.14 10.44 15.69
CA ALA A 160 -6.11 10.61 16.76
C ALA A 160 -6.69 9.31 17.33
N LEU A 161 -6.06 8.16 17.06
CA LEU A 161 -6.52 6.93 17.70
C LEU A 161 -6.49 7.06 19.23
N GLY A 162 -7.66 6.82 19.85
CA GLY A 162 -7.78 6.95 21.29
C GLY A 162 -8.38 8.26 21.77
N ALA A 163 -8.45 9.27 20.90
CA ALA A 163 -9.05 10.54 21.26
C ALA A 163 -10.57 10.40 21.29
N SER A 164 -11.25 11.31 21.99
CA SER A 164 -12.70 11.25 22.12
C SER A 164 -13.25 12.63 22.46
N GLU A 165 -14.48 12.91 22.02
CA GLU A 165 -15.19 14.12 22.42
C GLU A 165 -16.58 13.76 22.94
N GLN A 166 -16.87 14.16 24.17
CA GLN A 166 -18.21 14.04 24.74
C GLN A 166 -18.78 12.63 24.53
N GLY A 167 -17.96 11.63 24.83
CA GLY A 167 -18.36 10.23 24.76
C GLY A 167 -18.23 9.57 23.39
N THR A 168 -17.93 10.34 22.35
CA THR A 168 -17.80 9.79 21.02
C THR A 168 -16.31 9.53 20.77
N MET A 169 -15.90 8.26 20.63
CA MET A 169 -14.53 7.95 20.23
C MET A 169 -14.26 8.49 18.83
N VAL A 170 -13.13 9.20 18.68
CA VAL A 170 -12.75 9.61 17.34
C VAL A 170 -12.64 8.41 16.42
N GLY A 171 -13.18 8.57 15.21
CA GLY A 171 -13.20 7.53 14.20
C GLY A 171 -14.58 6.91 14.06
N THR A 172 -15.47 7.14 15.05
CA THR A 172 -16.71 6.39 15.16
C THR A 172 -17.97 7.24 14.99
N ALA A 173 -17.84 8.51 14.60
CA ALA A 173 -19.00 9.39 14.63
C ALA A 173 -19.98 9.17 13.47
N ALA A 174 -19.47 8.74 12.31
CA ALA A 174 -20.27 8.69 11.11
C ALA A 174 -19.81 7.53 10.24
N GLU A 175 -19.74 7.69 8.92
CA GLU A 175 -19.56 6.56 8.02
C GLU A 175 -18.21 5.86 8.24
N PHE A 176 -17.12 6.63 8.28
CA PHE A 176 -15.80 6.04 8.35
C PHE A 176 -14.88 6.81 9.26
N GLY A 177 -14.01 6.05 9.93
CA GLY A 177 -12.86 6.60 10.60
C GLY A 177 -11.59 5.99 10.05
N CYS A 178 -10.58 6.82 9.86
CA CYS A 178 -9.32 6.43 9.26
C CYS A 178 -8.16 6.80 10.18
N PHE A 179 -7.32 5.81 10.49
CA PHE A 179 -6.21 5.96 11.41
C PHE A 179 -4.91 5.61 10.69
N SER A 180 -3.81 6.20 11.18
CA SER A 180 -2.45 5.90 10.76
C SER A 180 -1.67 5.27 11.90
N PHE A 181 -0.79 4.37 11.53
CA PHE A 181 0.19 3.75 12.43
C PHE A 181 1.60 4.11 11.99
N HIS A 182 1.80 5.30 11.44
CA HIS A 182 3.11 5.86 11.17
C HIS A 182 3.87 5.99 12.48
N PRO A 183 5.22 6.10 12.48
CA PRO A 183 5.92 6.12 13.75
C PRO A 183 5.71 7.34 14.63
N ARG A 184 5.11 8.40 14.12
CA ARG A 184 4.71 9.52 14.93
C ARG A 184 3.37 9.25 15.65
N ALA A 185 2.66 8.14 15.38
CA ALA A 185 1.21 8.02 15.67
C ALA A 185 0.88 7.32 17.00
N THR A 186 1.88 7.12 17.85
CA THR A 186 1.73 6.58 19.19
C THR A 186 1.65 5.05 19.14
N LEU A 187 0.60 4.48 18.53
CA LEU A 187 0.59 3.11 18.05
C LEU A 187 1.17 3.06 16.65
N THR A 188 2.28 2.36 16.46
CA THR A 188 2.96 2.28 15.18
C THR A 188 3.10 0.82 14.75
N THR A 189 3.08 0.62 13.44
CA THR A 189 3.46 -0.62 12.78
C THR A 189 4.51 -0.35 11.72
N GLY A 190 5.23 0.77 11.83
CA GLY A 190 6.18 1.23 10.84
C GLY A 190 5.48 2.03 9.75
N GLU A 191 4.74 1.31 8.90
CA GLU A 191 3.65 1.88 8.14
C GLU A 191 2.42 1.06 8.48
N GLY A 192 1.25 1.68 8.51
CA GLY A 192 0.03 0.93 8.72
C GLY A 192 -1.13 1.90 8.93
N GLY A 193 -2.33 1.35 8.88
CA GLY A 193 -3.50 2.15 9.20
C GLY A 193 -4.71 1.27 9.39
N ALA A 194 -5.85 1.93 9.60
CA ALA A 194 -7.09 1.19 9.76
C ALA A 194 -8.26 2.03 9.27
N VAL A 195 -9.26 1.32 8.76
CA VAL A 195 -10.57 1.88 8.44
C VAL A 195 -11.59 1.24 9.37
N VAL A 196 -12.36 2.08 10.05
CA VAL A 196 -13.43 1.58 10.91
C VAL A 196 -14.77 2.14 10.45
N THR A 197 -15.84 1.42 10.81
CA THR A 197 -17.19 1.79 10.44
C THR A 197 -18.16 0.99 11.32
N ASN A 198 -19.35 1.54 11.50
CA ASN A 198 -20.49 0.81 12.07
C ASN A 198 -21.40 0.22 11.00
N ASP A 199 -21.09 0.45 9.73
CA ASP A 199 -21.97 0.03 8.64
C ASP A 199 -21.38 -1.21 7.98
N THR A 200 -22.07 -2.34 8.11
CA THR A 200 -21.55 -3.61 7.61
C THR A 200 -21.40 -3.60 6.09
N GLU A 201 -22.30 -2.93 5.36
CA GLU A 201 -22.15 -2.84 3.92
C GLU A 201 -20.87 -2.10 3.53
N LEU A 202 -20.57 -1.02 4.24
CA LEU A 202 -19.33 -0.29 3.97
C LEU A 202 -18.11 -1.13 4.34
N TYR A 203 -18.17 -1.86 5.46
CA TYR A 203 -17.09 -2.77 5.85
C TYR A 203 -16.84 -3.78 4.74
N ASN A 204 -17.91 -4.40 4.24
CA ASN A 204 -17.73 -5.44 3.24
C ASN A 204 -17.10 -4.85 1.99
N LYS A 205 -17.51 -3.63 1.61
CA LYS A 205 -16.99 -2.97 0.42
CA LYS A 205 -16.98 -3.03 0.41
CA LYS A 205 -16.99 -3.00 0.42
C LYS A 205 -15.49 -2.72 0.57
N VAL A 206 -15.10 -2.16 1.71
CA VAL A 206 -13.69 -1.87 1.96
C VAL A 206 -12.86 -3.17 1.95
N ALA A 207 -13.40 -4.24 2.53
CA ALA A 207 -12.67 -5.50 2.54
C ALA A 207 -12.44 -5.99 1.11
N LEU A 208 -13.42 -5.81 0.22
CA LEU A 208 -13.20 -6.20 -1.16
C LEU A 208 -12.11 -5.31 -1.79
N LEU A 209 -12.24 -3.99 -1.61
CA LEU A 209 -11.34 -3.05 -2.27
C LEU A 209 -9.90 -3.23 -1.80
N ARG A 210 -9.70 -3.66 -0.54
CA ARG A 210 -8.38 -3.84 0.04
C ARG A 210 -7.58 -4.96 -0.62
N SER A 211 -8.29 -5.95 -1.19
CA SER A 211 -7.61 -7.10 -1.74
CA SER A 211 -7.68 -7.18 -1.67
C SER A 211 -8.29 -7.60 -3.00
N HIS A 212 -8.20 -6.76 -4.04
CA HIS A 212 -8.44 -7.16 -5.43
C HIS A 212 -9.89 -7.54 -5.73
N GLY A 213 -10.81 -7.12 -4.89
CA GLY A 213 -12.20 -7.48 -5.06
C GLY A 213 -12.52 -8.92 -4.64
N MET A 214 -11.62 -9.57 -3.89
CA MET A 214 -11.77 -10.99 -3.56
C MET A 214 -12.75 -11.20 -2.42
N GLN A 215 -13.70 -12.11 -2.65
CA GLN A 215 -14.62 -12.60 -1.63
C GLN A 215 -14.40 -14.11 -1.50
N ARG A 216 -14.10 -14.57 -0.28
CA ARG A 216 -14.05 -16.00 -0.02
C ARG A 216 -15.46 -16.57 0.03
N THR A 217 -15.62 -17.75 -0.56
CA THR A 217 -16.88 -18.51 -0.50
C THR A 217 -16.56 -19.97 -0.17
N GLY A 220 -14.89 -21.31 -2.94
CA GLY A 220 -13.67 -20.71 -3.51
C GLY A 220 -13.78 -19.19 -3.65
N VAL A 221 -12.75 -18.59 -4.24
CA VAL A 221 -12.64 -17.14 -4.31
C VAL A 221 -13.47 -16.64 -5.48
N VAL A 222 -14.23 -15.56 -5.27
CA VAL A 222 -14.92 -14.82 -6.31
C VAL A 222 -14.36 -13.41 -6.33
N PHE A 223 -14.13 -12.90 -7.54
CA PHE A 223 -13.73 -11.52 -7.75
C PHE A 223 -14.99 -10.70 -8.00
N LYS A 224 -15.40 -9.92 -7.01
CA LYS A 224 -16.68 -9.25 -7.06
C LYS A 224 -16.63 -7.90 -7.77
N CYS A 225 -15.48 -7.21 -7.65
CA CYS A 225 -15.34 -5.87 -8.18
C CYS A 225 -13.87 -5.60 -8.42
N VAL A 226 -13.55 -4.52 -9.12
CA VAL A 226 -12.15 -4.11 -9.24
C VAL A 226 -11.69 -3.52 -7.91
N GLY A 227 -10.44 -3.79 -7.55
CA GLY A 227 -9.88 -3.30 -6.31
C GLY A 227 -8.37 -3.13 -6.40
N LEU A 228 -7.79 -2.95 -5.21
CA LEU A 228 -6.41 -2.61 -5.01
C LEU A 228 -5.76 -3.66 -4.09
N ASN A 229 -4.50 -3.47 -3.76
CA ASN A 229 -3.85 -4.17 -2.67
C ASN A 229 -3.40 -3.17 -1.62
N TYR A 230 -4.13 -3.14 -0.50
CA TYR A 230 -3.75 -2.33 0.63
C TYR A 230 -3.69 -3.18 1.90
N ARG A 231 -3.29 -4.44 1.74
CA ARG A 231 -3.18 -5.31 2.90
C ARG A 231 -1.95 -5.02 3.76
N LEU A 232 -2.14 -5.14 5.07
CA LEU A 232 -1.04 -5.08 6.02
C LEU A 232 -0.45 -6.48 6.27
N THR A 233 0.87 -6.60 6.43
CA THR A 233 1.43 -7.91 6.73
C THR A 233 1.01 -8.39 8.12
N ASN A 234 1.08 -9.71 8.29
CA ASN A 234 0.77 -10.33 9.56
C ASN A 234 1.74 -9.90 10.65
N PHE A 235 3.02 -9.69 10.31
CA PHE A 235 4.00 -9.25 11.29
C PHE A 235 3.80 -7.80 11.67
N GLN A 236 3.39 -6.94 10.73
CA GLN A 236 3.01 -5.58 11.12
C GLN A 236 1.82 -5.62 12.07
N GLY A 237 0.82 -6.45 11.74
CA GLY A 237 -0.33 -6.61 12.61
C GLY A 237 0.05 -7.04 14.02
N ALA A 238 1.01 -7.95 14.11
CA ALA A 238 1.49 -8.43 15.41
C ALA A 238 2.02 -7.28 16.25
N ILE A 239 2.77 -6.37 15.61
CA ILE A 239 3.34 -5.23 16.31
C ILE A 239 2.19 -4.40 16.87
N GLY A 240 1.23 -4.06 15.99
CA GLY A 240 0.20 -3.13 16.39
C GLY A 240 -0.64 -3.67 17.53
N ARG A 241 -1.01 -4.94 17.45
CA ARG A 241 -1.89 -5.46 18.50
C ARG A 241 -1.11 -5.66 19.79
N ALA A 242 0.22 -5.71 19.74
CA ALA A 242 1.02 -5.74 20.96
C ALA A 242 1.05 -4.39 21.67
N ILE A 243 0.91 -3.31 20.88
CA ILE A 243 0.96 -1.95 21.42
C ILE A 243 -0.42 -1.52 21.94
N LEU A 244 -1.50 -1.93 21.26
CA LEU A 244 -2.82 -1.42 21.57
C LEU A 244 -3.14 -1.50 23.07
N PRO A 245 -2.84 -2.59 23.81
CA PRO A 245 -3.17 -2.62 25.23
C PRO A 245 -2.46 -1.56 26.08
N GLU A 246 -1.37 -0.99 25.53
CA GLU A 246 -0.63 0.06 26.21
C GLU A 246 -1.11 1.45 25.83
N LEU A 247 -1.96 1.58 24.81
CA LEU A 247 -2.21 2.90 24.24
C LEU A 247 -2.81 3.85 25.27
N ASN A 248 -3.78 3.40 26.07
CA ASN A 248 -4.36 4.31 27.04
C ASN A 248 -3.32 4.82 28.03
N GLN A 249 -2.43 3.95 28.50
CA GLN A 249 -1.38 4.37 29.41
C GLN A 249 -0.44 5.36 28.74
N TRP A 250 -0.11 5.14 27.48
CA TRP A 250 0.76 6.07 26.77
C TRP A 250 0.08 7.42 26.56
N ILE A 251 -1.23 7.41 26.25
CA ILE A 251 -1.97 8.67 26.12
C ILE A 251 -2.01 9.39 27.46
N ALA A 252 -2.19 8.65 28.58
CA ALA A 252 -2.25 9.30 29.87
C ALA A 252 -0.90 9.97 30.15
N LYS A 253 0.18 9.25 29.84
CA LYS A 253 1.52 9.81 30.04
C LYS A 253 1.69 11.08 29.21
N ARG A 254 1.27 11.07 27.93
CA ARG A 254 1.38 12.22 27.06
C ARG A 254 0.58 13.38 27.64
N ARG A 255 -0.61 13.13 28.19
CA ARG A 255 -1.40 14.19 28.78
CA ARG A 255 -1.39 14.21 28.77
C ARG A 255 -0.68 14.80 29.98
N GLU A 256 0.00 13.98 30.79
CA GLU A 256 0.76 14.52 31.90
CA GLU A 256 0.79 14.48 31.90
C GLU A 256 1.91 15.39 31.39
N LEU A 257 2.61 14.94 30.34
CA LEU A 257 3.68 15.74 29.78
C LEU A 257 3.13 17.05 29.23
N ALA A 258 1.96 17.01 28.59
CA ALA A 258 1.37 18.23 28.07
C ALA A 258 1.09 19.22 29.18
N ASN A 259 0.63 18.73 30.33
CA ASN A 259 0.35 19.60 31.47
CA ASN A 259 0.34 19.61 31.46
C ASN A 259 1.65 20.23 31.98
N GLN A 260 2.74 19.48 31.91
CA GLN A 260 4.04 20.04 32.26
C GLN A 260 4.45 21.15 31.30
N TYR A 261 4.24 20.93 29.99
CA TYR A 261 4.51 22.00 29.03
C TYR A 261 3.64 23.22 29.33
N ARG A 262 2.36 23.01 29.64
CA ARG A 262 1.46 24.11 29.88
C ARG A 262 1.99 24.98 31.01
N GLU A 263 2.45 24.36 32.08
CA GLU A 263 2.96 25.10 33.21
C GLU A 263 4.28 25.79 32.86
N LEU A 264 5.19 25.04 32.26
CA LEU A 264 6.54 25.56 32.03
C LEU A 264 6.56 26.64 30.94
N LEU A 265 5.63 26.58 29.98
CA LEU A 265 5.61 27.54 28.88
C LEU A 265 4.82 28.80 29.22
N ALA A 266 4.16 28.85 30.40
CA ALA A 266 3.34 30.00 30.71
C ALA A 266 4.13 31.31 30.64
N PRO A 267 5.38 31.42 31.14
CA PRO A 267 6.12 32.67 30.99
C PRO A 267 6.25 33.13 29.54
N LEU A 268 6.59 32.21 28.65
CA LEU A 268 6.73 32.55 27.24
C LEU A 268 5.39 33.00 26.63
N VAL A 269 4.27 32.43 27.09
CA VAL A 269 2.97 32.88 26.64
C VAL A 269 2.68 34.28 27.17
N GLU A 270 2.96 34.49 28.45
CA GLU A 270 2.58 35.72 29.12
C GLU A 270 3.33 36.90 28.52
N VAL A 271 4.56 36.69 28.03
CA VAL A 271 5.36 37.77 27.45
C VAL A 271 5.13 37.88 25.94
N GLY A 272 4.30 37.00 25.38
CA GLY A 272 3.83 37.17 24.01
C GLY A 272 4.65 36.47 22.95
N LYS A 273 5.55 35.56 23.31
CA LYS A 273 6.43 34.94 22.34
C LYS A 273 5.83 33.73 21.63
N LEU A 274 4.78 33.13 22.21
CA LEU A 274 4.13 32.00 21.58
C LEU A 274 2.76 31.78 22.19
N THR A 275 1.96 30.95 21.48
CA THR A 275 0.69 30.46 21.97
C THR A 275 0.76 28.94 22.05
N LEU A 276 -0.09 28.41 22.92
CA LEU A 276 -0.13 26.99 23.21
C LEU A 276 -1.26 26.29 22.49
N PRO A 277 -1.13 24.98 22.25
CA PRO A 277 -2.29 24.19 21.85
C PRO A 277 -3.26 24.11 23.02
N SER A 278 -4.55 23.86 22.71
CA SER A 278 -5.56 23.70 23.74
CA SER A 278 -5.54 23.69 23.75
C SER A 278 -5.82 22.21 23.94
N ILE A 279 -5.24 21.64 25.00
CA ILE A 279 -5.28 20.21 25.24
C ILE A 279 -6.52 19.89 26.06
N VAL A 280 -7.63 19.75 25.34
CA VAL A 280 -8.95 19.55 25.90
C VAL A 280 -9.08 18.14 26.46
N GLU A 281 -10.17 17.91 27.19
CA GLU A 281 -10.53 16.57 27.58
C GLU A 281 -10.66 15.74 26.31
N GLY A 282 -10.07 14.55 26.33
CA GLY A 282 -10.17 13.63 25.20
C GLY A 282 -9.10 13.81 24.14
N HIS A 283 -8.27 14.85 24.25
CA HIS A 283 -7.14 15.05 23.34
C HIS A 283 -6.15 13.91 23.57
N SER A 284 -5.66 13.26 22.51
CA SER A 284 -4.71 12.16 22.68
C SER A 284 -3.26 12.61 22.61
N VAL A 285 -3.02 13.89 22.31
CA VAL A 285 -1.69 14.48 22.38
C VAL A 285 -0.70 13.70 21.54
N GLN A 286 -1.05 13.50 20.27
CA GLN A 286 -0.16 12.90 19.31
C GLN A 286 0.96 13.86 18.91
N THR A 287 0.64 15.16 18.85
CA THR A 287 1.61 16.22 18.62
C THR A 287 1.25 17.39 19.52
N TYR A 288 2.29 18.07 20.03
CA TYR A 288 2.12 19.26 20.83
C TYR A 288 2.67 20.43 20.01
N MET A 289 1.76 21.20 19.39
CA MET A 289 2.19 22.27 18.49
C MET A 289 1.85 23.63 19.10
N THR A 290 2.91 24.41 19.31
CA THR A 290 2.82 25.80 19.70
C THR A 290 2.74 26.67 18.44
N VAL A 291 2.50 27.96 18.61
CA VAL A 291 2.59 28.90 17.50
C VAL A 291 3.54 30.01 17.94
N LEU A 292 4.61 30.24 17.18
CA LEU A 292 5.56 31.31 17.49
C LEU A 292 5.01 32.67 17.06
N ALA A 293 5.40 33.69 17.81
CA ALA A 293 5.15 35.06 17.41
C ALA A 293 5.74 35.34 16.02
N ASP A 294 5.13 36.29 15.32
CA ASP A 294 5.51 36.61 13.95
C ASP A 294 6.96 37.07 13.80
N ASN A 295 7.58 37.62 14.85
CA ASN A 295 8.92 38.18 14.69
C ASN A 295 10.00 37.10 14.60
N PHE A 296 9.67 35.85 14.94
CA PHE A 296 10.65 34.77 14.83
C PHE A 296 10.59 34.13 13.45
N GLU A 297 11.76 33.79 12.93
CA GLU A 297 11.86 32.99 11.72
C GLU A 297 11.82 31.53 12.14
N ARG A 298 10.70 30.85 11.87
CA ARG A 298 10.50 29.52 12.43
C ARG A 298 11.58 28.55 11.94
N SER A 299 12.04 28.66 10.70
CA SER A 299 13.06 27.75 10.20
C SER A 299 14.36 27.89 11.01
N ASP A 300 14.69 29.13 11.39
CA ASP A 300 15.88 29.37 12.19
C ASP A 300 15.73 28.82 13.60
N VAL A 301 14.52 28.89 14.14
CA VAL A 301 14.26 28.32 15.45
C VAL A 301 14.45 26.80 15.41
N ILE A 302 13.95 26.13 14.38
CA ILE A 302 14.13 24.69 14.25
C ILE A 302 15.62 24.38 14.20
N GLU A 303 16.39 25.11 13.39
CA GLU A 303 17.81 24.81 13.24
C GLU A 303 18.57 25.00 14.55
N ALA A 304 18.27 26.09 15.26
CA ALA A 304 18.90 26.36 16.53
C ALA A 304 18.56 25.27 17.54
N LEU A 305 17.30 24.83 17.59
CA LEU A 305 16.91 23.78 18.51
C LEU A 305 17.62 22.48 18.16
N ARG A 306 17.80 22.17 16.88
CA ARG A 306 18.51 20.95 16.48
C ARG A 306 19.92 20.95 17.07
N SER A 307 20.59 22.10 17.00
CA SER A 307 21.95 22.22 17.53
C SER A 307 22.01 22.07 19.06
N LYS A 308 20.85 22.16 19.72
CA LYS A 308 20.70 21.99 21.15
C LYS A 308 19.97 20.68 21.46
N GLN A 309 20.03 19.75 20.51
CA GLN A 309 19.52 18.38 20.66
C GLN A 309 18.01 18.32 20.94
N VAL A 310 17.26 19.22 20.30
CA VAL A 310 15.81 19.17 20.33
C VAL A 310 15.29 19.11 18.90
N GLU A 311 14.57 18.03 18.59
CA GLU A 311 13.90 17.93 17.31
C GLU A 311 12.57 18.68 17.36
N SER A 312 12.35 19.55 16.40
CA SER A 312 11.13 20.31 16.26
C SER A 312 10.83 20.39 14.78
N ASN A 313 9.59 20.75 14.46
CA ASN A 313 9.24 20.87 13.06
C ASN A 313 7.99 21.71 12.97
N LEU A 314 7.60 22.07 11.74
CA LEU A 314 6.24 22.51 11.56
C LEU A 314 5.32 21.35 11.98
N GLY A 315 4.08 21.70 12.29
CA GLY A 315 3.08 20.71 12.61
C GLY A 315 2.46 20.07 11.39
N ALA A 316 1.95 20.91 10.48
CA ALA A 316 1.30 20.45 9.25
C ALA A 316 1.39 21.57 8.21
N GLN A 317 0.79 21.30 7.04
CA GLN A 317 0.85 22.21 5.90
C GLN A 317 -0.45 23.01 5.77
N SER A 318 -0.37 24.07 4.97
CA SER A 318 -1.54 24.82 4.53
C SER A 318 -1.86 24.43 3.09
N MET A 319 -2.99 23.75 2.89
CA MET A 319 -3.33 23.21 1.58
C MET A 319 -3.40 24.32 0.52
N SER A 320 -3.97 25.45 0.91
CA SER A 320 -4.14 26.58 -0.01
C SER A 320 -2.81 27.17 -0.44
N SER A 321 -1.75 26.94 0.32
CA SER A 321 -0.42 27.47 0.05
CA SER A 321 -0.44 27.49 0.01
C SER A 321 0.31 26.65 -1.02
N LEU A 322 -0.16 25.44 -1.33
CA LEU A 322 0.65 24.48 -2.09
C LEU A 322 0.50 24.59 -3.61
N GLY A 323 -0.58 25.20 -4.12
CA GLY A 323 -0.75 25.30 -5.57
C GLY A 323 -1.27 24.03 -6.23
N LEU A 324 -1.76 23.08 -5.44
CA LEU A 324 -2.16 21.78 -5.94
C LEU A 324 -3.68 21.62 -6.04
N PHE A 325 -4.44 22.40 -5.26
CA PHE A 325 -5.88 22.18 -5.09
C PHE A 325 -6.58 23.41 -5.68
N ASN A 326 -6.83 23.38 -6.99
CA ASN A 326 -7.08 24.62 -7.73
C ASN A 326 -8.54 24.78 -8.08
N HIS A 327 -9.43 24.10 -7.37
CA HIS A 327 -10.83 24.40 -7.55
C HIS A 327 -11.04 25.91 -7.36
N LYS A 328 -11.98 26.46 -8.14
CA LYS A 328 -12.33 27.87 -8.07
C LYS A 328 -12.59 28.33 -6.63
N TYR A 329 -13.26 27.52 -5.81
CA TYR A 329 -13.61 27.96 -4.46
C TYR A 329 -12.35 28.39 -3.71
N ASN A 330 -11.26 27.66 -3.94
CA ASN A 330 -10.08 27.75 -3.09
C ASN A 330 -9.30 29.05 -3.33
N THR A 331 -9.65 29.81 -4.36
CA THR A 331 -9.10 31.17 -4.43
C THR A 331 -10.15 32.26 -4.27
N GLU A 332 -11.33 31.92 -3.76
CA GLU A 332 -12.38 32.92 -3.52
C GLU A 332 -12.23 33.57 -2.15
N GLN A 333 -11.47 32.95 -1.24
CA GLN A 333 -11.15 33.63 -0.01
C GLN A 333 -9.76 33.18 0.44
N GLN A 334 -9.31 33.91 1.43
CA GLN A 334 -8.06 33.60 2.07
C GLN A 334 -8.31 32.62 3.22
N TYR A 335 -7.21 32.04 3.68
CA TYR A 335 -7.18 31.06 4.76
C TYR A 335 -6.20 31.52 5.81
N PRO A 336 -6.50 32.60 6.55
CA PRO A 336 -5.50 33.19 7.43
C PRO A 336 -5.11 32.28 8.58
N GLU A 337 -6.04 31.45 9.08
CA GLU A 337 -5.69 30.68 10.26
C GLU A 337 -4.76 29.54 9.88
N GLY A 338 -5.12 28.77 8.85
CA GLY A 338 -4.24 27.71 8.40
C GLY A 338 -2.89 28.25 7.96
N THR A 339 -2.90 29.44 7.33
CA THR A 339 -1.65 30.01 6.86
C THR A 339 -0.74 30.35 8.06
N ARG A 340 -1.31 30.93 9.11
CA ARG A 340 -0.55 31.23 10.32
C ARG A 340 0.02 29.95 10.95
N LEU A 341 -0.79 28.89 11.05
CA LEU A 341 -0.34 27.66 11.68
C LEU A 341 0.77 27.02 10.86
N TYR A 342 0.67 27.07 9.53
CA TYR A 342 1.67 26.51 8.65
C TYR A 342 3.00 27.28 8.76
N THR A 343 2.90 28.61 8.83
CA THR A 343 4.06 29.49 8.77
C THR A 343 4.79 29.57 10.12
N HIS A 344 4.01 29.53 11.21
CA HIS A 344 4.53 29.88 12.53
C HIS A 344 4.42 28.75 13.54
N GLY A 345 3.74 27.65 13.17
CA GLY A 345 3.58 26.52 14.09
C GLY A 345 4.92 25.83 14.38
N LEU A 346 5.07 25.38 15.64
CA LEU A 346 6.27 24.67 16.07
C LEU A 346 5.91 23.51 16.98
N ALA A 347 6.07 22.30 16.45
CA ALA A 347 5.85 21.08 17.23
C ALA A 347 7.07 20.83 18.09
N LEU A 348 6.82 20.58 19.38
CA LEU A 348 7.87 20.30 20.34
C LEU A 348 7.78 18.82 20.73
N PRO A 349 8.90 18.15 21.08
CA PRO A 349 8.86 16.74 21.40
C PRO A 349 7.87 16.43 22.53
N LEU A 350 7.01 15.45 22.27
CA LEU A 350 6.11 14.99 23.29
C LEU A 350 5.71 13.56 22.96
N HIS A 351 6.29 12.63 23.71
CA HIS A 351 5.98 11.22 23.52
C HIS A 351 6.20 10.50 24.84
N GLU A 352 5.66 9.30 24.93
CA GLU A 352 5.56 8.55 26.18
C GLU A 352 6.93 8.12 26.69
N GLY A 353 7.98 8.17 25.88
CA GLY A 353 9.31 7.85 26.38
C GLY A 353 9.99 9.00 27.11
N MET A 354 9.40 10.19 27.06
CA MET A 354 9.93 11.35 27.76
C MET A 354 9.45 11.34 29.21
N ASN A 355 10.21 12.02 30.08
CA ASN A 355 9.75 12.31 31.43
C ASN A 355 9.67 13.82 31.65
N ALA A 356 9.32 14.22 32.86
CA ALA A 356 9.10 15.64 33.13
C ALA A 356 10.40 16.43 33.00
N GLU A 357 11.55 15.80 33.31
CA GLU A 357 12.82 16.48 33.14
C GLU A 357 13.10 16.77 31.67
N ASP A 358 12.73 15.85 30.78
CA ASP A 358 12.89 16.06 29.35
C ASP A 358 12.05 17.23 28.84
N VAL A 359 10.84 17.39 29.38
CA VAL A 359 10.03 18.55 28.99
C VAL A 359 10.74 19.83 29.44
N ALA A 360 11.31 19.82 30.65
CA ALA A 360 12.05 20.97 31.16
C ALA A 360 13.24 21.28 30.28
N THR A 361 13.94 20.26 29.79
CA THR A 361 15.06 20.45 28.88
C THR A 361 14.58 21.18 27.61
N VAL A 362 13.48 20.72 27.02
CA VAL A 362 12.99 21.34 25.80
C VAL A 362 12.62 22.80 26.06
N VAL A 363 11.89 23.06 27.14
CA VAL A 363 11.48 24.42 27.38
C VAL A 363 12.70 25.31 27.64
N SER A 364 13.73 24.80 28.31
CA SER A 364 14.95 25.58 28.52
CA SER A 364 14.95 25.57 28.51
C SER A 364 15.55 25.95 27.16
N ALA A 365 15.69 24.96 26.27
CA ALA A 365 16.28 25.19 24.96
C ALA A 365 15.46 26.23 24.19
N LEU A 366 14.13 26.08 24.19
CA LEU A 366 13.29 26.99 23.42
C LEU A 366 13.40 28.39 24.00
N THR A 367 13.39 28.52 25.32
CA THR A 367 13.53 29.82 25.94
C THR A 367 14.81 30.50 25.48
N GLU A 368 15.91 29.73 25.50
CA GLU A 368 17.20 30.26 25.10
C GLU A 368 17.19 30.71 23.64
N VAL A 369 16.60 29.90 22.76
CA VAL A 369 16.58 30.23 21.34
C VAL A 369 15.76 31.48 21.09
N LEU A 370 14.61 31.61 21.78
CA LEU A 370 13.75 32.76 21.56
C LEU A 370 14.25 34.00 22.28
N GLU A 371 15.25 33.89 23.15
CA GLU A 371 15.90 35.04 23.78
C GLU A 371 16.99 35.60 22.86
N HIS A 372 17.70 34.67 22.18
CA HIS A 372 18.93 34.89 21.44
C HIS A 372 19.22 33.67 20.55
N MET B 1 2.34 -30.81 4.90
CA MET B 1 1.86 -30.30 3.59
C MET B 1 3.08 -29.86 2.79
N ILE B 2 3.18 -30.34 1.55
CA ILE B 2 4.10 -29.74 0.59
C ILE B 2 3.38 -28.55 -0.01
N LYS B 3 3.92 -27.37 0.26
CA LYS B 3 3.27 -26.11 -0.01
C LYS B 3 3.76 -25.47 -1.31
N LEU B 4 2.94 -24.54 -1.84
CA LEU B 4 3.32 -23.83 -3.06
C LEU B 4 4.56 -22.96 -2.84
N SER B 5 4.78 -22.45 -1.64
CA SER B 5 6.03 -21.78 -1.32
C SER B 5 6.30 -21.95 0.16
N GLN B 6 7.54 -21.70 0.57
CA GLN B 6 7.88 -21.75 1.99
C GLN B 6 9.14 -20.94 2.21
N PRO B 7 9.00 -19.63 2.14
CA PRO B 7 10.19 -18.76 2.09
C PRO B 7 11.03 -18.91 3.35
N GLN B 8 12.34 -19.02 3.16
CA GLN B 8 13.29 -19.08 4.26
C GLN B 8 14.05 -17.76 4.28
N ILE B 9 13.61 -16.91 5.19
CA ILE B 9 14.26 -15.63 5.42
C ILE B 9 15.52 -15.92 6.22
N PRO B 10 16.72 -15.50 5.75
CA PRO B 10 17.96 -15.77 6.48
C PRO B 10 17.88 -15.26 7.92
N GLU B 11 18.47 -16.03 8.84
CA GLU B 11 18.42 -15.69 10.25
CA GLU B 11 18.40 -15.68 10.25
C GLU B 11 19.05 -14.32 10.47
N PHE B 12 20.12 -14.01 9.72
CA PHE B 12 20.77 -12.72 9.92
C PHE B 12 19.81 -11.59 9.59
N ALA B 13 18.88 -11.85 8.66
CA ALA B 13 17.90 -10.83 8.29
C ALA B 13 16.84 -10.69 9.37
N ILE B 14 16.44 -11.81 9.99
CA ILE B 14 15.52 -11.75 11.11
C ILE B 14 16.15 -10.93 12.22
N GLU B 15 17.44 -11.17 12.50
CA GLU B 15 18.15 -10.41 13.52
C GLU B 15 18.19 -8.91 13.17
N LYS B 16 18.40 -8.59 11.90
CA LYS B 16 18.41 -7.20 11.47
C LYS B 16 17.04 -6.57 11.63
N VAL B 17 15.99 -7.31 11.29
CA VAL B 17 14.63 -6.81 11.53
C VAL B 17 14.45 -6.51 13.01
N ALA B 18 14.84 -7.43 13.89
CA ALA B 18 14.73 -7.20 15.32
C ALA B 18 15.48 -5.95 15.73
N ASP B 19 16.70 -5.77 15.21
CA ASP B 19 17.50 -4.59 15.52
C ASP B 19 16.77 -3.32 15.09
N ILE B 20 16.17 -3.37 13.90
CA ILE B 20 15.45 -2.21 13.40
C ILE B 20 14.26 -1.91 14.29
N LEU B 21 13.48 -2.93 14.65
CA LEU B 21 12.33 -2.69 15.51
C LEU B 21 12.75 -2.09 16.85
N ARG B 22 13.85 -2.61 17.42
CA ARG B 22 14.25 -2.29 18.79
C ARG B 22 14.79 -0.86 18.82
N GLY B 23 15.50 -0.46 17.77
CA GLY B 23 16.33 0.71 17.96
C GLY B 23 16.61 1.46 16.67
N GLY B 24 15.95 1.08 15.57
CA GLY B 24 16.23 1.60 14.25
C GLY B 24 15.07 2.40 13.66
N GLN B 25 15.27 2.78 12.41
CA GLN B 25 14.28 3.53 11.68
C GLN B 25 13.29 2.55 11.07
N LEU B 26 11.99 2.82 11.26
CA LEU B 26 10.95 1.91 10.79
C LEU B 26 10.51 2.23 9.37
N VAL B 27 10.35 3.53 9.03
CA VAL B 27 9.98 3.89 7.68
C VAL B 27 11.18 3.74 6.75
N HIS B 28 10.87 3.67 5.46
CA HIS B 28 11.86 3.52 4.40
C HIS B 28 13.13 4.27 4.76
N GLY B 29 14.22 3.52 4.87
CA GLY B 29 15.49 4.08 5.27
C GLY B 29 16.64 3.44 4.52
N ASP B 30 17.80 3.31 5.20
CA ASP B 30 18.99 2.88 4.52
C ASP B 30 18.79 1.49 3.90
N GLU B 31 18.05 0.58 4.57
CA GLU B 31 17.89 -0.75 4.02
C GLU B 31 17.12 -0.67 2.69
N CYS B 32 16.07 0.14 2.62
CA CYS B 32 15.33 0.29 1.38
C CYS B 32 16.16 0.96 0.30
N ASN B 33 16.94 1.97 0.66
CA ASN B 33 17.77 2.63 -0.32
C ASN B 33 18.83 1.70 -0.91
N LEU B 34 19.48 0.91 -0.04
CA LEU B 34 20.47 -0.06 -0.50
C LEU B 34 19.80 -1.15 -1.32
N PHE B 35 18.62 -1.59 -0.89
CA PHE B 35 17.89 -2.61 -1.65
C PHE B 35 17.62 -2.12 -3.08
N GLU B 36 17.17 -0.86 -3.22
CA GLU B 36 16.94 -0.28 -4.54
C GLU B 36 18.21 -0.30 -5.37
N GLN B 37 19.33 0.14 -4.80
CA GLN B 37 20.57 0.15 -5.56
CA GLN B 37 20.58 0.16 -5.54
C GLN B 37 20.94 -1.26 -5.98
N GLU B 38 20.81 -2.23 -5.06
CA GLU B 38 21.19 -3.60 -5.35
C GLU B 38 20.24 -4.25 -6.37
N LEU B 39 18.96 -3.94 -6.33
CA LEU B 39 18.00 -4.43 -7.32
CA LEU B 39 18.02 -4.45 -7.31
C LEU B 39 18.34 -3.88 -8.70
N ALA B 40 18.65 -2.60 -8.77
CA ALA B 40 18.99 -1.99 -10.05
C ALA B 40 20.25 -2.65 -10.62
N GLU B 41 21.25 -2.86 -9.76
CA GLU B 41 22.48 -3.53 -10.22
CA GLU B 41 22.47 -3.53 -10.22
C GLU B 41 22.20 -4.96 -10.71
N TYR B 42 21.38 -5.70 -9.93
CA TYR B 42 21.04 -7.08 -10.29
C TYR B 42 20.42 -7.13 -11.68
N LEU B 43 19.52 -6.20 -11.96
CA LEU B 43 18.77 -6.19 -13.22
C LEU B 43 19.52 -5.53 -14.36
N GLY B 44 20.58 -4.78 -14.06
CA GLY B 44 21.24 -3.95 -15.06
C GLY B 44 20.34 -2.84 -15.60
N VAL B 45 19.58 -2.23 -14.69
CA VAL B 45 18.66 -1.16 -15.02
C VAL B 45 19.08 0.08 -14.24
N LYS B 46 18.76 1.27 -14.75
CA LYS B 46 19.28 2.47 -14.13
C LYS B 46 18.68 2.74 -12.75
N HIS B 47 17.40 2.46 -12.57
CA HIS B 47 16.69 2.91 -11.39
C HIS B 47 15.73 1.84 -10.87
N ALA B 48 15.60 1.79 -9.56
CA ALA B 48 14.61 0.96 -8.89
C ALA B 48 14.01 1.72 -7.71
N LEU B 49 12.72 1.46 -7.45
CA LEU B 49 12.00 2.01 -6.31
C LEU B 49 11.19 0.91 -5.65
N VAL B 50 11.40 0.67 -4.36
CA VAL B 50 10.60 -0.34 -3.68
C VAL B 50 9.29 0.30 -3.18
N VAL B 51 8.23 -0.52 -3.17
CA VAL B 51 6.87 -0.06 -2.91
C VAL B 51 6.11 -1.12 -2.13
N SER B 52 4.88 -0.80 -1.74
CA SER B 52 4.13 -1.62 -0.79
C SER B 52 3.84 -3.03 -1.27
N ASN B 53 3.62 -3.21 -2.57
CA ASN B 53 3.25 -4.49 -3.16
C ASN B 53 3.34 -4.38 -4.68
N GLY B 54 3.15 -5.51 -5.35
CA GLY B 54 3.27 -5.54 -6.81
C GLY B 54 2.14 -4.78 -7.51
N THR B 55 0.96 -4.77 -6.90
CA THR B 55 -0.16 -4.01 -7.45
C THR B 55 0.18 -2.51 -7.41
N ALA B 56 0.74 -2.05 -6.31
CA ALA B 56 1.18 -0.67 -6.16
C ALA B 56 2.20 -0.33 -7.24
N ALA B 57 3.09 -1.23 -7.58
CA ALA B 57 4.08 -0.99 -8.61
C ALA B 57 3.37 -0.69 -9.95
N LEU B 58 2.45 -1.57 -10.33
CA LEU B 58 1.68 -1.36 -11.56
C LEU B 58 0.91 -0.04 -11.51
N HIS B 59 0.30 0.25 -10.37
CA HIS B 59 -0.48 1.46 -10.18
C HIS B 59 0.37 2.71 -10.47
N LEU B 60 1.55 2.75 -9.83
CA LEU B 60 2.45 3.88 -9.98
C LEU B 60 2.93 4.00 -11.42
N ALA B 61 3.24 2.89 -12.07
CA ALA B 61 3.64 2.92 -13.48
C ALA B 61 2.54 3.58 -14.33
N LEU B 62 1.29 3.16 -14.16
CA LEU B 62 0.19 3.75 -14.90
C LEU B 62 0.10 5.25 -14.64
N LEU B 63 0.14 5.65 -13.37
CA LEU B 63 -0.03 7.04 -13.01
C LEU B 63 1.12 7.86 -13.60
N ALA B 64 2.35 7.37 -13.53
CA ALA B 64 3.50 8.13 -14.01
C ALA B 64 3.42 8.34 -15.52
N LEU B 65 2.74 7.43 -16.24
CA LEU B 65 2.56 7.56 -17.67
C LEU B 65 1.31 8.34 -18.05
N ASN B 66 0.61 8.89 -17.06
CA ASN B 66 -0.59 9.68 -17.31
CA ASN B 66 -0.61 9.67 -17.27
C ASN B 66 -1.67 8.85 -18.01
N ILE B 67 -1.80 7.58 -17.62
CA ILE B 67 -2.85 6.71 -18.11
C ILE B 67 -4.02 6.78 -17.14
N GLY B 68 -5.21 7.10 -17.66
CA GLY B 68 -6.34 7.39 -16.80
C GLY B 68 -7.65 7.40 -17.57
N PRO B 69 -8.62 8.18 -17.09
CA PRO B 69 -9.91 8.28 -17.78
C PRO B 69 -9.72 8.63 -19.24
N GLY B 70 -10.46 7.91 -20.09
CA GLY B 70 -10.41 8.11 -21.53
C GLY B 70 -9.38 7.25 -22.24
N ASP B 71 -8.58 6.48 -21.48
CA ASP B 71 -7.50 5.71 -22.06
C ASP B 71 -7.80 4.21 -21.97
N ALA B 72 -6.99 3.43 -22.69
CA ALA B 72 -7.07 1.99 -22.74
C ALA B 72 -5.66 1.40 -22.69
N VAL B 73 -5.59 0.19 -22.08
CA VAL B 73 -4.37 -0.58 -21.91
C VAL B 73 -4.70 -2.02 -22.25
N ILE B 74 -3.86 -2.66 -23.08
CA ILE B 74 -4.03 -4.06 -23.39
C ILE B 74 -3.39 -4.93 -22.29
N VAL B 75 -4.15 -5.95 -21.87
CA VAL B 75 -3.73 -6.91 -20.84
C VAL B 75 -3.97 -8.29 -21.42
N PRO B 76 -3.24 -9.31 -20.89
CA PRO B 76 -3.51 -10.70 -21.28
C PRO B 76 -4.76 -11.22 -20.59
N ASP B 77 -5.40 -12.21 -21.21
CA ASP B 77 -6.58 -12.80 -20.60
C ASP B 77 -6.19 -13.60 -19.36
N PHE B 78 -5.04 -14.25 -19.38
CA PHE B 78 -4.63 -15.14 -18.30
C PHE B 78 -3.58 -14.46 -17.44
N THR B 79 -3.96 -14.12 -16.21
CA THR B 79 -3.11 -13.40 -15.28
C THR B 79 -3.85 -13.34 -13.95
N PHE B 80 -3.17 -12.82 -12.93
CA PHE B 80 -3.87 -12.47 -11.71
C PHE B 80 -4.75 -11.26 -11.94
N THR B 81 -5.91 -11.22 -11.28
CA THR B 81 -6.89 -10.18 -11.55
C THR B 81 -6.33 -8.78 -11.38
N ALA B 82 -5.33 -8.59 -10.50
CA ALA B 82 -4.74 -7.26 -10.27
C ALA B 82 -4.34 -6.60 -11.58
N THR B 83 -3.82 -7.35 -12.54
CA THR B 83 -3.30 -6.73 -13.76
C THR B 83 -4.38 -5.89 -14.43
N ALA B 84 -5.55 -6.50 -14.62
CA ALA B 84 -6.66 -5.79 -15.27
C ALA B 84 -7.36 -4.84 -14.31
N ASN B 85 -7.50 -5.21 -13.02
CA ASN B 85 -8.13 -4.34 -12.06
C ASN B 85 -7.43 -3.00 -12.00
N ILE B 86 -6.09 -2.98 -11.99
CA ILE B 86 -5.41 -1.74 -11.68
C ILE B 86 -5.54 -0.76 -12.86
N VAL B 87 -5.63 -1.29 -14.08
CA VAL B 87 -5.96 -0.48 -15.24
C VAL B 87 -7.31 0.21 -15.01
N GLU B 88 -8.33 -0.55 -14.63
CA GLU B 88 -9.64 0.02 -14.40
C GLU B 88 -9.62 1.03 -13.24
N MET B 89 -8.80 0.75 -12.22
CA MET B 89 -8.81 1.63 -11.05
C MET B 89 -8.34 3.04 -11.41
N VAL B 90 -7.40 3.18 -12.35
CA VAL B 90 -6.96 4.52 -12.74
C VAL B 90 -7.91 5.21 -13.70
N GLY B 91 -8.97 4.50 -14.10
CA GLY B 91 -9.98 5.04 -14.99
C GLY B 91 -9.85 4.61 -16.44
N ALA B 92 -8.81 3.84 -16.76
CA ALA B 92 -8.61 3.31 -18.09
C ALA B 92 -9.43 2.04 -18.28
N LYS B 93 -9.55 1.60 -19.54
CA LYS B 93 -10.22 0.37 -19.86
C LYS B 93 -9.18 -0.71 -20.18
N ALA B 94 -9.38 -1.86 -19.54
CA ALA B 94 -8.56 -3.04 -19.82
C ALA B 94 -9.10 -3.72 -21.08
N ILE B 95 -8.25 -3.82 -22.08
CA ILE B 95 -8.55 -4.45 -23.35
C ILE B 95 -7.86 -5.80 -23.36
N ILE B 96 -8.64 -6.88 -23.41
CA ILE B 96 -8.10 -8.22 -23.18
C ILE B 96 -7.69 -8.84 -24.51
N VAL B 97 -6.51 -9.45 -24.52
CA VAL B 97 -6.01 -10.23 -25.65
C VAL B 97 -5.62 -11.61 -25.13
N ASP B 98 -5.89 -12.66 -25.92
CA ASP B 98 -5.64 -14.02 -25.45
C ASP B 98 -4.14 -14.29 -25.36
N VAL B 99 -3.86 -15.36 -24.62
CA VAL B 99 -2.51 -15.86 -24.39
C VAL B 99 -2.21 -17.05 -25.28
N ASP B 100 -0.92 -17.36 -25.37
CA ASP B 100 -0.42 -18.57 -26.01
CA ASP B 100 -0.42 -18.55 -26.05
C ASP B 100 -0.68 -19.79 -25.14
N LYS B 101 -1.12 -20.89 -25.76
CA LYS B 101 -1.36 -22.19 -25.13
CA LYS B 101 -1.39 -22.09 -24.98
C LYS B 101 -0.12 -22.68 -24.39
N THR B 102 1.07 -22.42 -25.00
CA THR B 102 2.33 -23.04 -24.61
C THR B 102 2.96 -22.26 -23.47
N SER B 103 3.16 -20.97 -23.69
CA SER B 103 3.88 -20.12 -22.76
C SER B 103 3.00 -19.57 -21.65
N TYR B 104 1.69 -19.49 -21.92
CA TYR B 104 0.70 -18.85 -21.06
C TYR B 104 0.80 -17.32 -21.06
N ASN B 105 1.66 -16.77 -21.92
CA ASN B 105 1.88 -15.34 -22.04
C ASN B 105 1.10 -14.75 -23.22
N LEU B 106 0.82 -13.45 -23.14
CA LEU B 106 0.15 -12.68 -24.20
C LEU B 106 0.61 -13.10 -25.59
N ASP B 107 -0.35 -13.46 -26.46
CA ASP B 107 -0.01 -13.96 -27.78
C ASP B 107 0.38 -12.79 -28.68
N PRO B 108 1.62 -12.69 -29.18
CA PRO B 108 2.05 -11.52 -29.95
C PRO B 108 1.24 -11.29 -31.23
N GLN B 109 0.80 -12.35 -31.89
CA GLN B 109 0.03 -12.16 -33.12
C GLN B 109 -1.36 -11.63 -32.81
N LYS B 110 -1.97 -12.12 -31.75
CA LYS B 110 -3.28 -11.64 -31.33
C LYS B 110 -3.17 -10.23 -30.78
N LEU B 111 -2.02 -9.89 -30.19
CA LEU B 111 -1.74 -8.53 -29.76
C LEU B 111 -1.70 -7.58 -30.97
N GLN B 112 -0.91 -7.96 -31.98
CA GLN B 112 -0.83 -7.19 -33.20
C GLN B 112 -2.21 -6.94 -33.78
N ALA B 113 -3.05 -7.97 -33.84
CA ALA B 113 -4.37 -7.82 -34.44
C ALA B 113 -5.22 -6.83 -33.64
N CYS B 114 -5.18 -6.91 -32.31
CA CYS B 114 -5.95 -6.00 -31.47
C CYS B 114 -5.54 -4.55 -31.74
N ILE B 115 -4.24 -4.29 -31.78
CA ILE B 115 -3.76 -2.94 -32.00
C ILE B 115 -4.22 -2.47 -33.38
N ASN B 116 -4.10 -3.35 -34.37
CA ASN B 116 -4.46 -3.01 -35.75
CA ASN B 116 -4.47 -3.02 -35.74
C ASN B 116 -5.93 -2.58 -35.82
N GLU B 117 -6.81 -3.29 -35.12
CA GLU B 117 -8.23 -3.04 -35.16
C GLU B 117 -8.64 -1.85 -34.30
N TRP B 118 -7.77 -1.40 -33.40
CA TRP B 118 -8.17 -0.35 -32.48
C TRP B 118 -8.48 0.95 -33.21
N GLN B 119 -9.66 1.51 -32.90
CA GLN B 119 -10.02 2.82 -33.41
C GLN B 119 -10.85 3.57 -32.39
N GLY B 120 -10.68 3.24 -31.10
CA GLY B 120 -11.29 4.02 -30.04
C GLY B 120 -12.54 3.33 -29.49
N PRO B 121 -13.36 4.07 -28.71
CA PRO B 121 -13.26 5.52 -28.56
C PRO B 121 -12.12 5.99 -27.65
N GLU B 122 -11.67 5.12 -26.73
CA GLU B 122 -10.61 5.48 -25.81
C GLU B 122 -9.28 5.58 -26.57
N THR B 123 -8.34 6.26 -25.93
CA THR B 123 -6.99 6.38 -26.47
C THR B 123 -6.15 5.21 -25.99
N LEU B 124 -5.71 4.38 -26.93
CA LEU B 124 -4.90 3.21 -26.58
C LEU B 124 -3.47 3.66 -26.34
N LYS B 125 -2.99 3.50 -25.10
CA LYS B 125 -1.71 4.10 -24.69
C LYS B 125 -0.63 3.09 -24.37
N ALA B 126 -0.97 1.85 -24.00
CA ALA B 126 0.03 0.95 -23.45
C ALA B 126 -0.37 -0.49 -23.66
N ILE B 127 0.67 -1.35 -23.58
CA ILE B 127 0.53 -2.77 -23.32
C ILE B 127 1.09 -3.08 -21.95
N MET B 128 0.42 -4.03 -21.29
CA MET B 128 0.86 -4.52 -19.98
C MET B 128 0.99 -6.04 -20.07
N PRO B 129 2.02 -6.52 -20.78
CA PRO B 129 2.26 -7.95 -20.84
C PRO B 129 2.63 -8.49 -19.46
N VAL B 130 2.21 -9.74 -19.22
CA VAL B 130 2.58 -10.44 -17.97
C VAL B 130 3.61 -11.49 -18.35
N LEU B 131 4.71 -11.53 -17.57
CA LEU B 131 5.68 -12.60 -17.73
C LEU B 131 5.26 -13.68 -16.75
N GLU B 132 4.29 -14.48 -17.16
CA GLU B 132 3.48 -15.22 -16.21
C GLU B 132 4.30 -16.38 -15.62
N PHE B 133 4.23 -16.50 -14.28
CA PHE B 133 4.87 -17.60 -13.55
C PHE B 133 6.39 -17.58 -13.70
N GLY B 134 6.96 -16.47 -14.16
CA GLY B 134 8.39 -16.33 -14.36
C GLY B 134 8.85 -16.64 -15.78
N ASN B 135 7.89 -16.75 -16.72
CA ASN B 135 8.19 -17.09 -18.10
C ASN B 135 8.50 -15.82 -18.90
N PRO B 136 9.74 -15.63 -19.41
CA PRO B 136 10.09 -14.43 -20.17
C PRO B 136 9.69 -14.47 -21.63
N THR B 137 9.06 -15.56 -22.07
CA THR B 137 8.77 -15.76 -23.47
C THR B 137 8.00 -14.56 -24.03
N HIS B 138 8.54 -14.06 -25.17
CA HIS B 138 7.98 -12.96 -25.95
C HIS B 138 8.37 -11.58 -25.42
N LEU B 139 9.20 -11.47 -24.38
CA LEU B 139 9.62 -10.19 -23.83
C LEU B 139 10.07 -9.20 -24.91
N ASN B 140 10.98 -9.64 -25.78
CA ASN B 140 11.58 -8.73 -26.76
C ASN B 140 10.56 -8.41 -27.86
N ALA B 141 9.72 -9.39 -28.22
CA ALA B 141 8.65 -9.13 -29.18
C ALA B 141 7.69 -8.08 -28.63
N TYR B 142 7.32 -8.14 -27.36
CA TYR B 142 6.44 -7.13 -26.79
C TYR B 142 7.06 -5.75 -26.93
N ARG B 143 8.35 -5.62 -26.63
CA ARG B 143 9.02 -4.34 -26.77
C ARG B 143 8.93 -3.86 -28.22
N ASP B 144 9.23 -4.75 -29.16
CA ASP B 144 9.23 -4.40 -30.57
C ASP B 144 7.84 -3.96 -31.02
N ILE B 145 6.80 -4.66 -30.58
CA ILE B 145 5.44 -4.34 -30.97
C ILE B 145 5.04 -3.00 -30.38
N ALA B 146 5.37 -2.77 -29.11
CA ALA B 146 5.06 -1.49 -28.49
C ALA B 146 5.74 -0.37 -29.27
N LYS B 147 7.02 -0.54 -29.64
CA LYS B 147 7.73 0.50 -30.36
C LYS B 147 7.10 0.75 -31.74
N GLN B 148 6.74 -0.35 -32.42
CA GLN B 148 6.14 -0.29 -33.76
C GLN B 148 4.84 0.54 -33.73
N HIS B 149 4.12 0.56 -32.61
CA HIS B 149 2.80 1.16 -32.55
C HIS B 149 2.76 2.36 -31.61
N GLY B 150 3.92 2.87 -31.21
CA GLY B 150 3.98 4.08 -30.39
C GLY B 150 3.33 3.91 -29.02
N LEU B 151 3.35 2.70 -28.47
CA LEU B 151 2.75 2.43 -27.17
C LEU B 151 3.80 2.35 -26.07
N PHE B 152 3.39 2.74 -24.85
CA PHE B 152 4.20 2.43 -23.67
C PHE B 152 4.10 0.93 -23.41
N MET B 153 5.11 0.40 -22.69
CA MET B 153 5.06 -0.98 -22.23
C MET B 153 5.40 -1.00 -20.74
N ILE B 154 4.45 -1.53 -19.97
CA ILE B 154 4.63 -1.79 -18.55
C ILE B 154 4.66 -3.29 -18.38
N GLU B 155 5.82 -3.82 -17.97
CA GLU B 155 5.89 -5.25 -17.74
C GLU B 155 5.32 -5.58 -16.37
N ASP B 156 4.28 -6.42 -16.35
CA ASP B 156 3.82 -7.02 -15.11
C ASP B 156 4.67 -8.26 -14.86
N ALA B 157 5.80 -7.98 -14.21
CA ALA B 157 6.78 -8.97 -13.85
C ALA B 157 6.60 -9.38 -12.39
N ALA B 158 5.36 -9.36 -11.91
CA ALA B 158 5.08 -9.72 -10.52
C ALA B 158 5.79 -11.01 -10.13
N CYS B 159 5.72 -11.99 -11.02
CA CYS B 159 6.19 -13.35 -10.78
C CYS B 159 7.51 -13.64 -11.46
N ALA B 160 8.28 -12.63 -11.86
CA ALA B 160 9.34 -12.89 -12.82
C ALA B 160 10.67 -12.20 -12.50
N LEU B 161 10.89 -11.74 -11.27
CA LEU B 161 12.21 -11.20 -10.92
C LEU B 161 13.28 -12.27 -11.14
N GLY B 162 14.29 -11.92 -11.94
CA GLY B 162 15.36 -12.86 -12.24
C GLY B 162 15.21 -13.61 -13.56
N ALA B 163 14.04 -13.54 -14.19
CA ALA B 163 13.83 -14.13 -15.49
C ALA B 163 14.47 -13.24 -16.56
N SER B 164 14.75 -13.82 -17.72
CA SER B 164 15.40 -13.11 -18.81
C SER B 164 15.10 -13.79 -20.14
N GLU B 165 15.11 -12.98 -21.22
CA GLU B 165 14.98 -13.52 -22.56
C GLU B 165 16.04 -12.93 -23.49
N GLN B 166 16.84 -13.77 -24.14
CA GLN B 166 17.74 -13.33 -25.21
C GLN B 166 18.65 -12.21 -24.69
N GLY B 167 19.09 -12.32 -23.44
CA GLY B 167 20.00 -11.34 -22.85
C GLY B 167 19.33 -10.11 -22.22
N THR B 168 18.00 -9.99 -22.30
CA THR B 168 17.29 -8.89 -21.68
C THR B 168 16.67 -9.36 -20.36
N MET B 169 17.03 -8.76 -19.23
CA MET B 169 16.40 -9.11 -17.96
C MET B 169 14.93 -8.65 -18.01
N VAL B 170 14.03 -9.54 -17.57
CA VAL B 170 12.63 -9.16 -17.42
C VAL B 170 12.54 -7.94 -16.50
N GLY B 171 11.71 -6.99 -16.94
CA GLY B 171 11.47 -5.77 -16.20
C GLY B 171 12.19 -4.58 -16.83
N THR B 172 13.12 -4.86 -17.76
CA THR B 172 14.04 -3.83 -18.23
C THR B 172 13.87 -3.51 -19.72
N ALA B 173 12.86 -4.09 -20.37
CA ALA B 173 12.80 -3.95 -21.83
C ALA B 173 12.35 -2.57 -22.32
N ALA B 174 11.51 -1.87 -21.56
CA ALA B 174 10.86 -0.66 -22.03
C ALA B 174 10.65 0.29 -20.86
N GLU B 175 9.54 1.00 -20.79
CA GLU B 175 9.37 2.09 -19.85
C GLU B 175 9.48 1.62 -18.41
N PHE B 176 8.72 0.60 -18.06
CA PHE B 176 8.64 0.18 -16.66
C PHE B 176 8.62 -1.33 -16.53
N GLY B 177 9.25 -1.77 -15.43
CA GLY B 177 9.09 -3.14 -14.95
C GLY B 177 8.54 -3.12 -13.55
N CYS B 178 7.62 -4.04 -13.26
CA CYS B 178 6.94 -4.07 -11.98
C CYS B 178 7.06 -5.49 -11.40
N PHE B 179 7.54 -5.57 -10.15
CA PHE B 179 7.77 -6.83 -9.48
C PHE B 179 6.96 -6.90 -8.19
N SER B 180 6.68 -8.13 -7.75
CA SER B 180 6.02 -8.40 -6.49
C SER B 180 6.99 -9.19 -5.59
N PHE B 181 6.88 -8.93 -4.30
CA PHE B 181 7.57 -9.68 -3.26
C PHE B 181 6.55 -10.36 -2.34
N HIS B 182 5.42 -10.78 -2.89
CA HIS B 182 4.47 -11.61 -2.18
C HIS B 182 5.15 -12.93 -1.79
N PRO B 183 4.63 -13.70 -0.81
CA PRO B 183 5.34 -14.91 -0.40
C PRO B 183 5.43 -16.03 -1.41
N ARG B 184 4.67 -15.97 -2.50
CA ARG B 184 4.89 -16.92 -3.57
C ARG B 184 5.99 -16.48 -4.56
N ALA B 185 6.63 -15.32 -4.39
CA ALA B 185 7.42 -14.66 -5.44
C ALA B 185 8.93 -14.93 -5.38
N THR B 186 9.34 -15.89 -4.55
CA THR B 186 10.71 -16.36 -4.46
C THR B 186 11.53 -15.41 -3.57
N LEU B 187 11.71 -14.15 -3.98
CA LEU B 187 12.12 -13.06 -3.09
C LEU B 187 10.86 -12.47 -2.48
N THR B 188 10.70 -12.57 -1.16
CA THR B 188 9.53 -12.05 -0.46
C THR B 188 9.94 -11.05 0.61
N THR B 189 9.03 -10.09 0.84
CA THR B 189 9.09 -9.19 1.98
C THR B 189 7.76 -9.22 2.72
N GLY B 190 7.02 -10.31 2.57
CA GLY B 190 5.69 -10.45 3.13
C GLY B 190 4.65 -9.85 2.19
N GLU B 191 4.63 -8.52 2.14
CA GLU B 191 4.09 -7.79 0.99
C GLU B 191 5.22 -6.88 0.54
N GLY B 192 5.32 -6.63 -0.76
CA GLY B 192 6.30 -5.67 -1.26
C GLY B 192 6.30 -5.71 -2.77
N GLY B 193 6.98 -4.73 -3.36
CA GLY B 193 7.19 -4.76 -4.78
C GLY B 193 8.25 -3.75 -5.17
N ALA B 194 8.45 -3.63 -6.48
CA ALA B 194 9.39 -2.67 -7.00
C ALA B 194 8.96 -2.22 -8.39
N VAL B 195 9.26 -0.95 -8.68
CA VAL B 195 9.16 -0.33 -10.00
C VAL B 195 10.55 -0.04 -10.49
N VAL B 196 10.89 -0.49 -11.70
CA VAL B 196 12.20 -0.19 -12.26
C VAL B 196 12.03 0.49 -13.60
N THR B 197 13.05 1.25 -14.01
CA THR B 197 13.02 1.99 -15.26
C THR B 197 14.45 2.44 -15.59
N ASN B 198 14.67 2.68 -16.89
CA ASN B 198 15.90 3.31 -17.35
C ASN B 198 15.72 4.81 -17.57
N ASP B 199 14.51 5.30 -17.34
CA ASP B 199 14.19 6.69 -17.65
C ASP B 199 14.15 7.50 -16.36
N THR B 200 15.10 8.41 -16.20
CA THR B 200 15.24 9.15 -14.95
C THR B 200 14.00 10.03 -14.69
N GLU B 201 13.36 10.57 -15.75
CA GLU B 201 12.18 11.38 -15.54
C GLU B 201 11.04 10.51 -14.97
N LEU B 202 10.89 9.29 -15.49
CA LEU B 202 9.87 8.38 -14.95
C LEU B 202 10.18 7.99 -13.52
N TYR B 203 11.45 7.70 -13.22
CA TYR B 203 11.91 7.40 -11.87
C TYR B 203 11.50 8.52 -10.92
N ASN B 204 11.82 9.77 -11.30
CA ASN B 204 11.54 10.89 -10.42
C ASN B 204 10.04 10.99 -10.17
N LYS B 205 9.23 10.80 -11.21
CA LYS B 205 7.78 10.90 -11.09
CA LYS B 205 7.80 10.92 -11.05
C LYS B 205 7.25 9.84 -10.12
N VAL B 206 7.70 8.60 -10.27
CA VAL B 206 7.23 7.54 -9.40
C VAL B 206 7.65 7.83 -7.96
N ALA B 207 8.87 8.34 -7.77
CA ALA B 207 9.31 8.64 -6.40
C ALA B 207 8.39 9.68 -5.76
N LEU B 208 7.94 10.66 -6.54
CA LEU B 208 7.00 11.65 -6.02
C LEU B 208 5.68 10.96 -5.66
N LEU B 209 5.13 10.20 -6.61
CA LEU B 209 3.82 9.59 -6.43
C LEU B 209 3.78 8.63 -5.24
N ARG B 210 4.94 7.98 -4.94
CA ARG B 210 5.02 6.99 -3.88
C ARG B 210 4.87 7.60 -2.49
N SER B 211 5.17 8.91 -2.36
CA SER B 211 5.20 9.57 -1.07
CA SER B 211 5.07 9.53 -1.05
C SER B 211 4.65 10.99 -1.16
N HIS B 212 3.37 11.13 -1.53
CA HIS B 212 2.61 12.35 -1.27
C HIS B 212 3.09 13.52 -2.12
N GLY B 213 3.83 13.23 -3.19
CA GLY B 213 4.37 14.29 -4.03
C GLY B 213 5.58 15.01 -3.43
N MET B 214 6.18 14.45 -2.38
CA MET B 214 7.23 15.11 -1.61
C MET B 214 8.55 15.05 -2.36
N GLN B 215 9.19 16.20 -2.46
CA GLN B 215 10.56 16.33 -2.92
C GLN B 215 11.37 17.00 -1.82
N ARG B 216 12.43 16.32 -1.34
CA ARG B 216 13.30 16.93 -0.33
C ARG B 216 14.21 17.97 -0.97
N THR B 219 16.93 23.04 1.78
CA THR B 219 15.81 24.00 1.55
C THR B 219 14.53 23.49 2.22
N GLY B 220 14.34 22.17 2.20
CA GLY B 220 13.22 21.54 2.89
C GLY B 220 12.27 20.86 1.92
N VAL B 221 11.16 20.32 2.45
CA VAL B 221 10.26 19.49 1.67
C VAL B 221 9.35 20.39 0.83
N VAL B 222 9.20 20.06 -0.46
CA VAL B 222 8.22 20.68 -1.35
C VAL B 222 7.26 19.60 -1.81
N PHE B 223 5.98 19.94 -1.85
CA PHE B 223 4.93 19.08 -2.40
C PHE B 223 4.72 19.46 -3.85
N LYS B 224 5.23 18.65 -4.76
CA LYS B 224 5.27 18.98 -6.18
C LYS B 224 3.99 18.62 -6.92
N CYS B 225 3.30 17.58 -6.46
CA CYS B 225 2.14 17.04 -7.15
C CYS B 225 1.32 16.25 -6.16
N VAL B 226 0.09 15.91 -6.53
CA VAL B 226 -0.69 15.01 -5.71
CA VAL B 226 -0.73 15.00 -5.78
C VAL B 226 -0.14 13.59 -5.88
N GLY B 227 -0.15 12.85 -4.77
CA GLY B 227 0.36 11.49 -4.76
C GLY B 227 -0.29 10.66 -3.67
N LEU B 228 0.32 9.48 -3.46
CA LEU B 228 -0.21 8.40 -2.62
C LEU B 228 0.86 8.11 -1.55
N ASN B 229 0.56 7.09 -0.74
CA ASN B 229 1.57 6.45 0.11
C ASN B 229 1.69 4.98 -0.28
N TYR B 230 2.77 4.64 -1.00
CA TYR B 230 3.09 3.26 -1.32
C TYR B 230 4.49 2.91 -0.83
N ARG B 231 4.92 3.50 0.27
CA ARG B 231 6.25 3.23 0.82
CA ARG B 231 6.25 3.23 0.81
C ARG B 231 6.33 1.85 1.46
N LEU B 232 7.49 1.22 1.29
CA LEU B 232 7.82 -0.02 1.97
C LEU B 232 8.55 0.31 3.27
N THR B 233 8.31 -0.45 4.35
CA THR B 233 9.05 -0.20 5.58
C THR B 233 10.52 -0.58 5.42
N ASN B 234 11.35 0.01 6.29
CA ASN B 234 12.78 -0.26 6.31
C ASN B 234 13.04 -1.72 6.69
N PHE B 235 12.21 -2.30 7.56
CA PHE B 235 12.43 -3.68 7.96
C PHE B 235 11.98 -4.65 6.86
N GLN B 236 10.92 -4.34 6.09
CA GLN B 236 10.65 -5.14 4.91
C GLN B 236 11.81 -5.05 3.92
N GLY B 237 12.33 -3.83 3.70
CA GLY B 237 13.46 -3.67 2.78
C GLY B 237 14.66 -4.53 3.22
N ALA B 238 14.90 -4.61 4.52
CA ALA B 238 16.00 -5.40 5.06
C ALA B 238 15.83 -6.87 4.67
N ILE B 239 14.60 -7.41 4.79
CA ILE B 239 14.32 -8.79 4.42
C ILE B 239 14.66 -9.00 2.95
N GLY B 240 14.14 -8.12 2.10
CA GLY B 240 14.29 -8.33 0.67
C GLY B 240 15.74 -8.29 0.22
N ARG B 241 16.50 -7.33 0.73
CA ARG B 241 17.88 -7.23 0.29
C ARG B 241 18.73 -8.38 0.85
N ALA B 242 18.27 -9.03 1.92
CA ALA B 242 18.96 -10.21 2.44
C ALA B 242 18.78 -11.41 1.53
N ILE B 243 17.64 -11.47 0.84
CA ILE B 243 17.31 -12.61 -0.01
C ILE B 243 17.91 -12.45 -1.40
N LEU B 244 17.99 -11.22 -1.91
CA LEU B 244 18.39 -11.00 -3.29
C LEU B 244 19.69 -11.72 -3.65
N PRO B 245 20.75 -11.75 -2.81
CA PRO B 245 21.97 -12.45 -3.18
C PRO B 245 21.80 -13.96 -3.36
N GLU B 246 20.69 -14.52 -2.86
CA GLU B 246 20.39 -15.94 -2.98
C GLU B 246 19.50 -16.25 -4.18
N LEU B 247 18.95 -15.23 -4.81
CA LEU B 247 17.89 -15.45 -5.79
C LEU B 247 18.35 -16.31 -6.95
N ASN B 248 19.52 -16.05 -7.53
CA ASN B 248 19.96 -16.87 -8.64
C ASN B 248 20.12 -18.34 -8.26
N GLN B 249 20.66 -18.60 -7.07
CA GLN B 249 20.79 -19.98 -6.62
C GLN B 249 19.43 -20.64 -6.43
N TRP B 250 18.46 -19.89 -5.89
CA TRP B 250 17.12 -20.41 -5.72
C TRP B 250 16.44 -20.69 -7.06
N ILE B 251 16.61 -19.80 -8.04
CA ILE B 251 16.08 -20.05 -9.36
C ILE B 251 16.73 -21.29 -9.97
N ALA B 252 18.05 -21.46 -9.80
CA ALA B 252 18.71 -22.63 -10.36
C ALA B 252 18.13 -23.90 -9.75
N LYS B 253 17.88 -23.88 -8.43
CA LYS B 253 17.27 -25.01 -7.75
CA LYS B 253 17.28 -25.03 -7.78
C LYS B 253 15.89 -25.30 -8.33
N ARG B 254 15.08 -24.24 -8.51
CA ARG B 254 13.73 -24.40 -9.03
C ARG B 254 13.80 -25.01 -10.42
N ARG B 255 14.77 -24.61 -11.25
CA ARG B 255 14.85 -25.16 -12.59
CA ARG B 255 14.88 -25.15 -12.59
C ARG B 255 15.19 -26.65 -12.52
N GLU B 256 16.06 -27.05 -11.59
CA GLU B 256 16.37 -28.46 -11.40
CA GLU B 256 16.37 -28.47 -11.43
C GLU B 256 15.09 -29.23 -11.06
N LEU B 257 14.32 -28.71 -10.11
CA LEU B 257 13.06 -29.36 -9.72
C LEU B 257 12.09 -29.45 -10.90
N ALA B 258 12.02 -28.40 -11.72
CA ALA B 258 11.13 -28.41 -12.88
C ALA B 258 11.50 -29.56 -13.81
N ASN B 259 12.80 -29.78 -14.01
CA ASN B 259 13.17 -30.86 -14.89
C ASN B 259 12.80 -32.22 -14.29
N GLN B 260 12.88 -32.36 -12.97
CA GLN B 260 12.40 -33.57 -12.31
CA GLN B 260 12.42 -33.58 -12.31
C GLN B 260 10.91 -33.79 -12.57
N TYR B 261 10.11 -32.72 -12.47
CA TYR B 261 8.70 -32.83 -12.80
C TYR B 261 8.51 -33.27 -14.25
N ARG B 262 9.26 -32.66 -15.18
CA ARG B 262 9.11 -32.97 -16.59
CA ARG B 262 9.11 -32.97 -16.59
C ARG B 262 9.31 -34.47 -16.82
N GLU B 263 10.36 -35.02 -16.20
CA GLU B 263 10.70 -36.42 -16.38
C GLU B 263 9.61 -37.32 -15.78
N LEU B 264 9.20 -37.02 -14.55
CA LEU B 264 8.31 -37.90 -13.82
C LEU B 264 6.86 -37.79 -14.30
N LEU B 265 6.47 -36.65 -14.87
CA LEU B 265 5.09 -36.49 -15.32
C LEU B 265 4.87 -37.06 -16.72
N ALA B 266 5.94 -37.46 -17.40
CA ALA B 266 5.85 -37.94 -18.78
C ALA B 266 4.76 -39.02 -18.96
N PRO B 267 4.59 -40.02 -18.07
CA PRO B 267 3.55 -41.03 -18.29
C PRO B 267 2.14 -40.44 -18.36
N LEU B 268 1.87 -39.39 -17.56
CA LEU B 268 0.58 -38.74 -17.55
C LEU B 268 0.37 -37.96 -18.83
N VAL B 269 1.44 -37.35 -19.33
CA VAL B 269 1.36 -36.60 -20.58
C VAL B 269 1.06 -37.56 -21.73
N GLU B 270 1.71 -38.73 -21.70
CA GLU B 270 1.64 -39.67 -22.81
C GLU B 270 0.22 -40.18 -23.01
N VAL B 271 -0.54 -40.31 -21.93
CA VAL B 271 -1.90 -40.84 -21.99
C VAL B 271 -2.93 -39.70 -22.01
N GLY B 272 -2.46 -38.46 -22.18
CA GLY B 272 -3.34 -37.34 -22.44
C GLY B 272 -4.03 -36.80 -21.18
N LYS B 273 -3.51 -37.12 -20.00
CA LYS B 273 -4.16 -36.67 -18.79
C LYS B 273 -3.83 -35.21 -18.44
N LEU B 274 -2.68 -34.72 -18.90
CA LEU B 274 -2.30 -33.34 -18.62
C LEU B 274 -1.25 -32.89 -19.63
N THR B 275 -1.10 -31.57 -19.72
CA THR B 275 0.01 -30.97 -20.45
C THR B 275 0.90 -30.22 -19.47
N LEU B 276 2.16 -30.05 -19.86
CA LEU B 276 3.18 -29.46 -19.03
C LEU B 276 3.42 -28.01 -19.39
N PRO B 277 3.92 -27.18 -18.46
CA PRO B 277 4.45 -25.87 -18.84
C PRO B 277 5.72 -26.10 -19.63
N SER B 278 6.12 -25.07 -20.36
N SER B 278 6.11 -25.09 -20.39
CA SER B 278 7.38 -25.11 -21.10
CA SER B 278 7.38 -25.14 -21.10
C SER B 278 8.39 -24.22 -20.41
C SER B 278 8.37 -24.23 -20.39
N ILE B 279 9.34 -24.85 -19.70
CA ILE B 279 10.25 -24.12 -18.83
C ILE B 279 11.49 -23.78 -19.64
N VAL B 280 11.34 -22.71 -20.42
CA VAL B 280 12.33 -22.26 -21.38
C VAL B 280 13.54 -21.71 -20.64
N GLU B 281 14.62 -21.56 -21.39
CA GLU B 281 15.76 -20.79 -20.94
CA GLU B 281 15.75 -20.82 -20.87
C GLU B 281 15.27 -19.45 -20.42
N GLY B 282 15.78 -19.04 -19.26
CA GLY B 282 15.46 -17.75 -18.68
C GLY B 282 14.18 -17.74 -17.85
N HIS B 283 13.42 -18.83 -17.83
CA HIS B 283 12.26 -18.94 -16.95
C HIS B 283 12.71 -19.01 -15.50
N SER B 284 12.11 -18.20 -14.63
CA SER B 284 12.48 -18.18 -13.22
C SER B 284 11.70 -19.19 -12.39
N VAL B 285 10.72 -19.87 -12.99
CA VAL B 285 10.02 -20.98 -12.35
C VAL B 285 9.41 -20.55 -11.01
N GLN B 286 8.69 -19.43 -11.03
CA GLN B 286 7.99 -18.95 -9.85
C GLN B 286 6.77 -19.83 -9.56
N THR B 287 6.13 -20.35 -10.63
CA THR B 287 5.03 -21.31 -10.53
C THR B 287 5.23 -22.36 -11.61
N TYR B 288 4.89 -23.61 -11.29
CA TYR B 288 4.90 -24.72 -12.21
C TYR B 288 3.45 -25.14 -12.44
N MET B 289 2.86 -24.70 -13.56
CA MET B 289 1.44 -24.96 -13.80
C MET B 289 1.28 -25.90 -14.97
N THR B 290 0.62 -27.04 -14.68
CA THR B 290 0.17 -28.03 -15.65
C THR B 290 -1.24 -27.67 -16.10
N VAL B 291 -1.75 -28.38 -17.11
CA VAL B 291 -3.14 -28.22 -17.49
C VAL B 291 -3.76 -29.61 -17.49
N LEU B 292 -4.80 -29.82 -16.69
CA LEU B 292 -5.50 -31.10 -16.65
C LEU B 292 -6.38 -31.27 -17.88
N ALA B 293 -6.55 -32.53 -18.32
CA ALA B 293 -7.54 -32.85 -19.34
C ALA B 293 -8.95 -32.46 -18.89
N ASP B 294 -9.83 -32.22 -19.87
CA ASP B 294 -11.15 -31.67 -19.62
C ASP B 294 -12.02 -32.60 -18.77
N ASN B 295 -11.73 -33.91 -18.80
CA ASN B 295 -12.56 -34.89 -18.13
C ASN B 295 -12.39 -34.86 -16.61
N PHE B 296 -11.34 -34.20 -16.10
CA PHE B 296 -11.14 -34.08 -14.65
C PHE B 296 -11.86 -32.85 -14.11
N GLU B 297 -12.46 -33.01 -12.93
CA GLU B 297 -12.98 -31.87 -12.19
C GLU B 297 -11.84 -31.32 -11.35
N ARG B 298 -11.29 -30.18 -11.75
CA ARG B 298 -10.08 -29.71 -11.10
C ARG B 298 -10.29 -29.48 -9.60
N SER B 299 -11.45 -28.97 -9.21
CA SER B 299 -11.68 -28.66 -7.81
C SER B 299 -11.58 -29.94 -7.00
N ASP B 300 -12.03 -31.06 -7.58
CA ASP B 300 -11.95 -32.34 -6.89
C ASP B 300 -10.51 -32.83 -6.81
N VAL B 301 -9.72 -32.59 -7.85
CA VAL B 301 -8.31 -32.95 -7.83
C VAL B 301 -7.57 -32.17 -6.73
N ILE B 302 -7.84 -30.87 -6.62
CA ILE B 302 -7.21 -30.06 -5.59
C ILE B 302 -7.54 -30.62 -4.21
N GLU B 303 -8.82 -30.94 -3.98
CA GLU B 303 -9.24 -31.43 -2.67
C GLU B 303 -8.58 -32.77 -2.36
N ALA B 304 -8.54 -33.69 -3.34
CA ALA B 304 -7.94 -34.98 -3.12
C ALA B 304 -6.45 -34.80 -2.83
N LEU B 305 -5.77 -33.91 -3.55
CA LEU B 305 -4.35 -33.69 -3.33
C LEU B 305 -4.13 -33.14 -1.91
N ARG B 306 -4.98 -32.25 -1.43
CA ARG B 306 -4.82 -31.68 -0.09
CA ARG B 306 -4.83 -31.69 -0.09
C ARG B 306 -4.84 -32.80 0.96
N SER B 307 -5.73 -33.78 0.76
CA SER B 307 -5.86 -34.93 1.66
CA SER B 307 -5.85 -34.90 1.70
C SER B 307 -4.63 -35.82 1.63
N LYS B 308 -3.79 -35.65 0.60
CA LYS B 308 -2.54 -36.36 0.43
C LYS B 308 -1.35 -35.43 0.68
N GLN B 309 -1.57 -34.33 1.41
CA GLN B 309 -0.51 -33.42 1.82
C GLN B 309 0.19 -32.73 0.66
N VAL B 310 -0.57 -32.43 -0.39
CA VAL B 310 -0.05 -31.64 -1.52
C VAL B 310 -0.94 -30.43 -1.70
N GLU B 311 -0.35 -29.24 -1.57
CA GLU B 311 -1.03 -28.01 -1.90
C GLU B 311 -0.98 -27.77 -3.41
N SER B 312 -2.13 -27.51 -4.01
CA SER B 312 -2.23 -27.21 -5.42
C SER B 312 -3.33 -26.16 -5.56
N ASN B 313 -3.36 -25.50 -6.70
CA ASN B 313 -4.37 -24.47 -6.93
C ASN B 313 -4.44 -24.21 -8.42
N LEU B 314 -5.43 -23.42 -8.84
CA LEU B 314 -5.34 -22.84 -10.15
C LEU B 314 -4.08 -21.97 -10.17
N GLY B 315 -3.62 -21.69 -11.38
CA GLY B 315 -2.47 -20.84 -11.58
C GLY B 315 -2.83 -19.37 -11.59
N ALA B 316 -3.82 -19.00 -12.40
CA ALA B 316 -4.28 -17.62 -12.48
C ALA B 316 -5.70 -17.62 -13.05
N GLN B 317 -6.24 -16.42 -13.27
CA GLN B 317 -7.62 -16.23 -13.69
C GLN B 317 -7.67 -15.90 -15.18
N SER B 318 -8.89 -16.01 -15.71
CA SER B 318 -9.22 -15.55 -17.07
C SER B 318 -10.02 -14.26 -16.93
N MET B 319 -9.42 -13.14 -17.36
CA MET B 319 -10.04 -11.84 -17.18
C MET B 319 -11.42 -11.79 -17.85
N SER B 320 -11.53 -12.37 -19.04
CA SER B 320 -12.80 -12.35 -19.78
C SER B 320 -13.90 -13.14 -19.05
N SER B 321 -13.52 -14.08 -18.20
CA SER B 321 -14.46 -14.91 -17.45
C SER B 321 -15.05 -14.20 -16.23
N LEU B 322 -14.48 -13.08 -15.79
CA LEU B 322 -14.82 -12.54 -14.48
C LEU B 322 -15.99 -11.56 -14.51
N GLY B 323 -16.36 -11.06 -15.70
CA GLY B 323 -17.44 -10.10 -15.79
C GLY B 323 -17.14 -8.69 -15.26
N LEU B 324 -15.85 -8.33 -15.18
CA LEU B 324 -15.41 -7.07 -14.62
C LEU B 324 -14.91 -6.09 -15.67
N PHE B 325 -14.49 -6.62 -16.83
CA PHE B 325 -13.77 -5.85 -17.84
C PHE B 325 -14.62 -5.84 -19.10
N ASN B 326 -15.57 -4.90 -19.15
CA ASN B 326 -16.69 -5.06 -20.07
C ASN B 326 -16.57 -4.12 -21.27
N HIS B 327 -15.36 -3.68 -21.60
CA HIS B 327 -15.19 -2.98 -22.87
C HIS B 327 -15.72 -3.82 -24.02
N LYS B 328 -16.30 -3.11 -24.99
CA LYS B 328 -16.88 -3.72 -26.17
C LYS B 328 -15.95 -4.77 -26.81
N TYR B 329 -14.66 -4.46 -26.96
CA TYR B 329 -13.75 -5.37 -27.61
C TYR B 329 -13.82 -6.74 -26.93
N ASN B 330 -13.87 -6.72 -25.59
CA ASN B 330 -13.76 -7.93 -24.79
C ASN B 330 -15.01 -8.79 -24.92
N THR B 331 -16.13 -8.14 -25.26
CA THR B 331 -17.42 -8.80 -25.41
C THR B 331 -17.48 -9.48 -26.78
N GLU B 332 -16.72 -8.98 -27.76
CA GLU B 332 -16.75 -9.45 -29.13
C GLU B 332 -15.69 -10.52 -29.40
N GLN B 333 -14.51 -10.37 -28.80
CA GLN B 333 -13.42 -11.33 -28.95
C GLN B 333 -13.68 -12.57 -28.10
N GLN B 334 -13.06 -13.66 -28.51
CA GLN B 334 -13.13 -14.92 -27.78
C GLN B 334 -11.76 -15.25 -27.21
N TYR B 335 -11.73 -15.93 -26.05
CA TYR B 335 -10.48 -16.17 -25.31
C TYR B 335 -10.40 -17.63 -24.91
N PRO B 336 -10.34 -18.56 -25.89
CA PRO B 336 -10.31 -19.99 -25.56
C PRO B 336 -9.05 -20.38 -24.78
N GLU B 337 -7.91 -19.77 -25.07
CA GLU B 337 -6.69 -20.27 -24.45
C GLU B 337 -6.64 -19.87 -22.97
N GLY B 338 -6.85 -18.61 -22.66
CA GLY B 338 -6.90 -18.17 -21.27
C GLY B 338 -8.02 -18.86 -20.52
N THR B 339 -9.15 -19.09 -21.17
CA THR B 339 -10.24 -19.76 -20.48
C THR B 339 -9.86 -21.20 -20.12
N ARG B 340 -9.19 -21.91 -21.05
CA ARG B 340 -8.71 -23.26 -20.74
C ARG B 340 -7.75 -23.25 -19.55
N LEU B 341 -6.80 -22.31 -19.55
CA LEU B 341 -5.80 -22.29 -18.48
C LEU B 341 -6.46 -21.96 -17.16
N TYR B 342 -7.45 -21.06 -17.14
CA TYR B 342 -8.21 -20.73 -15.94
C TYR B 342 -8.98 -21.91 -15.41
N THR B 343 -9.63 -22.67 -16.29
CA THR B 343 -10.58 -23.70 -15.90
C THR B 343 -9.86 -25.00 -15.52
N HIS B 344 -8.72 -25.28 -16.20
CA HIS B 344 -8.09 -26.58 -16.12
C HIS B 344 -6.65 -26.53 -15.61
N GLY B 345 -6.08 -25.34 -15.44
CA GLY B 345 -4.70 -25.25 -14.95
C GLY B 345 -4.57 -25.75 -13.50
N LEU B 346 -3.44 -26.39 -13.22
CA LEU B 346 -3.15 -26.92 -11.88
C LEU B 346 -1.68 -26.65 -11.54
N ALA B 347 -1.46 -25.71 -10.62
CA ALA B 347 -0.14 -25.40 -10.09
C ALA B 347 0.23 -26.48 -9.08
N LEU B 348 1.44 -27.03 -9.24
CA LEU B 348 1.99 -28.03 -8.32
C LEU B 348 3.13 -27.40 -7.54
N PRO B 349 3.36 -27.82 -6.28
CA PRO B 349 4.41 -27.20 -5.47
C PRO B 349 5.76 -27.25 -6.15
N LEU B 350 6.41 -26.10 -6.20
CA LEU B 350 7.75 -26.02 -6.74
C LEU B 350 8.40 -24.80 -6.09
N HIS B 351 9.33 -25.07 -5.16
CA HIS B 351 10.03 -24.01 -4.49
C HIS B 351 11.36 -24.56 -3.99
N GLU B 352 12.27 -23.63 -3.69
CA GLU B 352 13.66 -23.97 -3.44
C GLU B 352 13.86 -24.78 -2.16
N GLY B 353 12.85 -24.84 -1.27
CA GLY B 353 12.89 -25.68 -0.09
C GLY B 353 12.62 -27.16 -0.36
N MET B 354 12.13 -27.50 -1.54
CA MET B 354 11.87 -28.88 -1.93
C MET B 354 13.15 -29.51 -2.47
N ASN B 355 13.20 -30.83 -2.36
CA ASN B 355 14.20 -31.64 -3.03
C ASN B 355 13.55 -32.60 -4.03
N ALA B 356 14.39 -33.39 -4.70
CA ALA B 356 13.92 -34.31 -5.71
C ALA B 356 12.92 -35.31 -5.14
N GLU B 357 13.13 -35.74 -3.88
CA GLU B 357 12.22 -36.68 -3.25
C GLU B 357 10.84 -36.03 -3.17
N ASP B 358 10.79 -34.74 -2.86
CA ASP B 358 9.51 -34.06 -2.72
C ASP B 358 8.78 -33.97 -4.04
N VAL B 359 9.50 -33.72 -5.13
CA VAL B 359 8.85 -33.72 -6.44
C VAL B 359 8.25 -35.09 -6.73
N ALA B 360 9.01 -36.16 -6.43
CA ALA B 360 8.53 -37.51 -6.65
C ALA B 360 7.26 -37.77 -5.83
N THR B 361 7.24 -37.31 -4.58
CA THR B 361 6.07 -37.43 -3.74
C THR B 361 4.87 -36.78 -4.43
N VAL B 362 5.04 -35.54 -4.92
CA VAL B 362 3.93 -34.83 -5.55
C VAL B 362 3.43 -35.60 -6.77
N VAL B 363 4.37 -36.04 -7.63
CA VAL B 363 3.97 -36.75 -8.83
C VAL B 363 3.23 -38.06 -8.49
N SER B 364 3.69 -38.76 -7.46
CA SER B 364 3.02 -39.97 -7.01
CA SER B 364 3.01 -39.98 -7.00
C SER B 364 1.56 -39.66 -6.64
N ALA B 365 1.38 -38.62 -5.82
CA ALA B 365 0.06 -38.24 -5.36
C ALA B 365 -0.83 -37.85 -6.53
N LEU B 366 -0.31 -37.06 -7.48
CA LEU B 366 -1.12 -36.64 -8.62
C LEU B 366 -1.49 -37.83 -9.48
N THR B 367 -0.54 -38.75 -9.70
CA THR B 367 -0.81 -39.93 -10.49
C THR B 367 -1.94 -40.74 -9.85
N GLU B 368 -1.89 -40.89 -8.53
CA GLU B 368 -2.91 -41.62 -7.79
C GLU B 368 -4.28 -40.97 -7.92
N VAL B 369 -4.31 -39.66 -7.75
CA VAL B 369 -5.56 -38.93 -7.85
C VAL B 369 -6.16 -39.04 -9.25
N LEU B 370 -5.34 -38.91 -10.29
CA LEU B 370 -5.87 -38.97 -11.64
C LEU B 370 -6.24 -40.40 -12.03
N GLU B 371 -5.71 -41.42 -11.37
CA GLU B 371 -6.13 -42.79 -11.62
C GLU B 371 -7.54 -43.06 -11.10
N HIS B 372 -7.88 -42.47 -9.95
CA HIS B 372 -9.12 -42.79 -9.26
C HIS B 372 -10.23 -41.77 -9.55
N ALA B 373 -9.91 -40.72 -10.28
CA ALA B 373 -10.92 -39.73 -10.65
C ALA B 373 -11.98 -40.38 -11.55
#